data_8W9S
#
_entry.id   8W9S
#
_cell.length_a   191.539
_cell.length_b   82.110
_cell.length_c   88.555
_cell.angle_alpha   90.00
_cell.angle_beta   99.64
_cell.angle_gamma   90.00
#
_symmetry.space_group_name_H-M   'C 1 2 1'
#
loop_
_entity.id
_entity.type
_entity.pdbx_description
1 polymer 'NADH-dependent dihydrogenase'
2 polymer RifT
3 non-polymer NICOTINAMIDE-ADENINE-DINUCLEOTIDE
4 non-polymer (7E,9S,10S,11R,12R,13R,14R,15R,16S,17S,18E,20Z)-2,4,10,12,14,16-hexahydroxy-3,7,9,11,13,15,17,21-octamethyl-23-azatricyclo[22.3.1.05,27]octacosa-1,3,5(27),7,18,20,24-heptaene-6,22,26,28-tetrone
5 water water
#
loop_
_entity_poly.entity_id
_entity_poly.type
_entity_poly.pdbx_seq_one_letter_code
_entity_poly.pdbx_strand_id
1 'polypeptide(L)'
;MAPTGGVGESRYVKTLRQLEVALIGAGLIARLHLEAWLGAGAAVRVYSDDGRSRELAAEFGAKAAGSLEEALDGADAVDI
CTPTASHHEIALTAIAAGVGVVCEKPLAASAEEAEEIVTAAERAGVRLYAAHDVRFAAPYARLHELVASGRLGEGALGRF
SFSAYHPRPWTGHASARSGGILTDQLLHGADLAHWVFGDVVRVHACYQGDIATPAPEGAVATGTAVLTHASGAISQVVSR
WTATPRPPVRVAFHVSGTGGSVSYDSEWPQEVRVVDGGAGNFAYGGPSVFDTEMREFATAFAGGPEPRIGAKDALAAVRI
IHAAAESAWTGRAVELPVRGAA
;
A,C
2 'polypeptide(L)'
;MVKVAILSSTPQAYAGALRGLPDVEVVAAASWDAFEPVRQAAEAGARVLCEYPPAAKETDLKAMIDAAGDRLTFASPACH
GEAFAVVRKGIADGGIGELTTVLGSVATSVDGVLGAAAPYLLDLADAVLGGEPAQQVYAQTNIVLSGRIGESAAVLTVRY
RSGQVASFDCRRHGSATGLPAVTFIGDQGSVQYDAGPQLLGGERPELGGEDLEALMLKDFLGAGDGPGPDGQAALRTFRI
IQAAYESAHTGQPVDL
;
B,D
#
loop_
_chem_comp.id
_chem_comp.type
_chem_comp.name
_chem_comp.formula
NAD non-polymer NICOTINAMIDE-ADENINE-DINUCLEOTIDE 'C21 H27 N7 O14 P2'
US6 non-polymer (7E,9S,10S,11R,12R,13R,14R,15R,16S,17S,18E,20Z)-2,4,10,12,14,16-hexahydroxy-3,7,9,11,13,15,17,21-octamethyl-23-azatricyclo[22.3.1.05,27]octacosa-1,3,5(27),7,18,20,24-heptaene-6,22,26,28-tetrone 'C35 H45 N O10'
#
# COMPACT_ATOMS: atom_id res chain seq x y z
N GLN A 18 24.79 33.93 19.16
CA GLN A 18 24.38 32.52 19.18
C GLN A 18 23.54 32.21 20.39
N LEU A 19 22.47 31.44 20.15
CA LEU A 19 21.58 31.09 21.25
C LEU A 19 22.35 30.15 22.18
N GLU A 20 22.15 30.30 23.48
CA GLU A 20 22.86 29.50 24.46
C GLU A 20 21.87 28.56 25.18
N VAL A 21 22.12 27.25 25.09
CA VAL A 21 21.19 26.23 25.58
C VAL A 21 21.87 25.40 26.65
N ALA A 22 21.23 25.29 27.81
CA ALA A 22 21.69 24.40 28.87
C ALA A 22 20.98 23.05 28.72
N LEU A 23 21.73 22.01 28.38
CA LEU A 23 21.16 20.67 28.22
C LEU A 23 21.41 19.86 29.48
N ILE A 24 20.32 19.43 30.13
CA ILE A 24 20.38 18.67 31.37
C ILE A 24 20.10 17.20 31.08
N GLY A 25 20.99 16.32 31.54
CA GLY A 25 20.96 14.91 31.22
C GLY A 25 22.00 14.55 30.17
N ALA A 26 22.40 13.28 30.18
CA ALA A 26 23.40 12.80 29.22
C ALA A 26 23.03 11.42 28.68
N GLY A 27 21.74 11.11 28.65
CA GLY A 27 21.27 9.84 28.14
C GLY A 27 21.03 9.88 26.64
N LEU A 28 20.18 8.95 26.18
CA LEU A 28 19.96 8.80 24.74
C LEU A 28 19.24 10.00 24.14
N ILE A 29 18.22 10.53 24.83
CA ILE A 29 17.50 11.70 24.33
C ILE A 29 18.41 12.92 24.31
N ALA A 30 19.11 13.17 25.41
CA ALA A 30 20.05 14.28 25.49
C ALA A 30 21.04 14.23 24.33
N ARG A 31 21.57 13.04 24.06
CA ARG A 31 22.53 12.90 22.97
C ARG A 31 21.90 13.28 21.64
N LEU A 32 20.64 12.89 21.44
CA LEU A 32 19.95 13.23 20.19
C LEU A 32 19.65 14.72 20.13
N HIS A 33 19.25 15.30 21.27
CA HIS A 33 19.00 16.74 21.33
C HIS A 33 20.28 17.55 21.15
N LEU A 34 21.37 17.12 21.80
CA LEU A 34 22.65 17.84 21.67
C LEU A 34 22.99 18.03 20.20
N GLU A 35 22.97 16.94 19.44
CA GLU A 35 23.33 16.98 18.03
C GLU A 35 22.40 17.91 17.26
N ALA A 36 21.13 17.94 17.63
CA ALA A 36 20.17 18.77 16.89
C ALA A 36 20.33 20.25 17.24
N TRP A 37 20.54 20.58 18.52
CA TRP A 37 20.81 21.97 18.89
C TRP A 37 22.00 22.51 18.11
N LEU A 38 23.14 21.80 18.18
CA LEU A 38 24.33 22.23 17.47
C LEU A 38 24.07 22.39 15.98
N GLY A 39 23.36 21.42 15.38
CA GLY A 39 22.98 21.54 13.98
C GLY A 39 22.09 22.72 13.68
N ALA A 40 21.44 23.28 14.71
CA ALA A 40 20.61 24.46 14.54
C ALA A 40 21.36 25.76 14.80
N GLY A 41 22.61 25.69 15.24
CA GLY A 41 23.44 26.87 15.44
C GLY A 41 23.62 27.27 16.89
N ALA A 42 22.96 26.58 17.82
CA ALA A 42 23.08 26.93 19.23
C ALA A 42 24.44 26.52 19.78
N ALA A 43 24.90 27.26 20.77
CA ALA A 43 25.97 26.80 21.64
C ALA A 43 25.33 26.11 22.84
N VAL A 44 25.95 25.05 23.31
CA VAL A 44 25.34 24.21 24.34
C VAL A 44 26.34 23.94 25.47
N ARG A 45 25.83 23.94 26.69
CA ARG A 45 26.52 23.45 27.87
C ARG A 45 25.73 22.28 28.44
N VAL A 46 26.42 21.21 28.83
CA VAL A 46 25.79 19.96 29.23
C VAL A 46 26.07 19.70 30.70
N TYR A 47 25.02 19.42 31.48
CA TYR A 47 25.16 18.97 32.85
C TYR A 47 24.29 17.76 33.10
N SER A 48 24.89 16.70 33.63
CA SER A 48 24.14 15.57 34.17
C SER A 48 24.73 15.17 35.51
N ASP A 49 23.87 14.68 36.40
CA ASP A 49 24.31 14.30 37.74
C ASP A 49 25.12 13.02 37.76
N ASP A 50 25.23 12.32 36.63
CA ASP A 50 26.05 11.11 36.58
C ASP A 50 27.46 11.39 36.12
N GLY A 51 27.81 12.66 35.90
CA GLY A 51 29.12 13.02 35.39
C GLY A 51 29.33 12.76 33.91
N ARG A 52 28.49 11.93 33.28
CA ARG A 52 28.67 11.56 31.88
C ARG A 52 28.53 12.75 30.93
N SER A 53 28.09 13.90 31.43
CA SER A 53 28.02 15.10 30.60
C SER A 53 29.41 15.56 30.16
N ARG A 54 30.46 15.21 30.91
CA ARG A 54 31.81 15.63 30.56
C ARG A 54 32.24 15.11 29.19
N GLU A 55 32.48 13.80 29.06
CA GLU A 55 32.74 13.15 27.76
C GLU A 55 31.62 13.31 26.74
N LEU A 56 30.35 13.55 27.13
CA LEU A 56 29.35 13.77 26.09
C LEU A 56 29.60 15.09 25.36
N ALA A 57 29.86 16.15 26.12
CA ALA A 57 30.11 17.45 25.52
C ALA A 57 31.39 17.45 24.68
N ALA A 58 32.43 16.76 25.17
CA ALA A 58 33.68 16.70 24.41
C ALA A 58 33.47 16.00 23.07
N GLU A 59 32.69 14.92 23.06
CA GLU A 59 32.41 14.20 21.83
C GLU A 59 31.80 15.12 20.77
N PHE A 60 30.98 16.08 21.17
CA PHE A 60 30.28 16.93 20.21
C PHE A 60 30.85 18.34 20.13
N GLY A 61 31.88 18.66 20.92
CA GLY A 61 32.43 20.00 20.90
C GLY A 61 31.66 21.02 21.70
N ALA A 62 30.84 20.58 22.65
CA ALA A 62 30.08 21.50 23.47
C ALA A 62 30.79 21.76 24.79
N LYS A 63 30.15 22.59 25.61
CA LYS A 63 30.63 22.99 26.93
C LYS A 63 30.14 21.99 27.97
N ALA A 64 30.92 21.81 29.03
CA ALA A 64 30.48 21.01 30.17
C ALA A 64 30.34 21.90 31.39
N ALA A 65 29.19 21.83 32.04
CA ALA A 65 28.95 22.57 33.28
C ALA A 65 29.01 21.62 34.47
N GLY A 66 29.49 22.15 35.60
CA GLY A 66 29.63 21.36 36.81
C GLY A 66 28.38 21.27 37.68
N SER A 67 27.33 22.02 37.34
CA SER A 67 26.12 22.03 38.14
C SER A 67 24.99 22.59 37.30
N LEU A 68 23.75 22.38 37.77
CA LEU A 68 22.60 22.96 37.10
C LEU A 68 22.63 24.48 37.17
N GLU A 69 23.02 25.03 38.33
CA GLU A 69 23.14 26.48 38.46
C GLU A 69 24.20 27.03 37.52
N GLU A 70 25.35 26.35 37.42
CA GLU A 70 26.36 26.76 36.46
C GLU A 70 25.86 26.61 35.02
N ALA A 71 25.14 25.51 34.73
CA ALA A 71 24.57 25.34 33.40
C ALA A 71 23.55 26.43 33.08
N LEU A 72 22.75 26.83 34.07
CA LEU A 72 21.76 27.87 33.81
C LEU A 72 22.35 29.27 33.73
N ASP A 73 23.55 29.47 34.25
CA ASP A 73 24.14 30.81 34.33
C ASP A 73 24.55 31.29 32.94
N GLY A 74 23.81 32.26 32.41
CA GLY A 74 24.05 32.75 31.08
C GLY A 74 23.27 32.04 29.99
N ALA A 75 22.35 31.15 30.34
CA ALA A 75 21.60 30.37 29.37
C ALA A 75 20.36 31.12 28.90
N ASP A 76 20.03 30.97 27.61
CA ASP A 76 18.78 31.48 27.08
C ASP A 76 17.63 30.51 27.28
N ALA A 77 17.93 29.21 27.26
CA ALA A 77 16.93 28.16 27.36
C ALA A 77 17.57 26.97 28.06
N VAL A 78 16.75 26.17 28.72
CA VAL A 78 17.19 24.89 29.25
C VAL A 78 16.44 23.80 28.51
N ASP A 79 17.14 22.70 28.20
CA ASP A 79 16.58 21.52 27.56
C ASP A 79 16.66 20.40 28.59
N ILE A 80 15.53 20.03 29.16
CA ILE A 80 15.50 19.05 30.23
C ILE A 80 15.28 17.66 29.63
N CYS A 81 16.32 16.84 29.68
CA CYS A 81 16.36 15.48 29.13
C CYS A 81 16.70 14.49 30.23
N THR A 82 16.11 14.70 31.39
CA THR A 82 16.26 13.87 32.57
C THR A 82 15.00 13.04 32.79
N PRO A 83 15.06 12.04 33.68
CA PRO A 83 13.85 11.30 34.03
C PRO A 83 12.71 12.21 34.45
N THR A 84 11.50 11.77 34.14
CA THR A 84 10.30 12.57 34.32
C THR A 84 10.14 13.14 35.72
N ALA A 85 10.38 12.32 36.76
CA ALA A 85 10.16 12.81 38.12
C ALA A 85 11.01 14.02 38.47
N SER A 86 12.13 14.22 37.78
CA SER A 86 12.97 15.38 38.06
C SER A 86 12.62 16.60 37.22
N HIS A 87 11.63 16.51 36.33
CA HIS A 87 11.30 17.65 35.47
C HIS A 87 10.80 18.83 36.28
N HIS A 88 10.01 18.56 37.32
CA HIS A 88 9.30 19.62 38.04
C HIS A 88 10.28 20.60 38.71
N GLU A 89 11.30 20.07 39.40
CA GLU A 89 12.19 20.99 40.10
C GLU A 89 13.23 21.62 39.17
N ILE A 90 13.70 20.89 38.16
CA ILE A 90 14.63 21.48 37.21
C ILE A 90 13.96 22.62 36.44
N ALA A 91 12.72 22.39 35.97
CA ALA A 91 11.99 23.44 35.25
C ALA A 91 11.73 24.65 36.14
N LEU A 92 11.28 24.43 37.37
CA LEU A 92 11.01 25.55 38.28
C LEU A 92 12.27 26.36 38.58
N THR A 93 13.43 25.69 38.65
CA THR A 93 14.68 26.41 38.89
C THR A 93 15.01 27.32 37.71
N ALA A 94 14.89 26.80 36.49
CA ALA A 94 15.19 27.60 35.30
C ALA A 94 14.22 28.78 35.17
N ILE A 95 12.93 28.51 35.40
CA ILE A 95 11.92 29.58 35.28
C ILE A 95 12.23 30.70 36.26
N ALA A 96 12.51 30.36 37.53
CA ALA A 96 12.82 31.39 38.51
C ALA A 96 14.07 32.17 38.11
N ALA A 97 14.98 31.55 37.37
CA ALA A 97 16.18 32.24 36.91
C ALA A 97 15.96 33.03 35.63
N GLY A 98 14.74 33.05 35.08
CA GLY A 98 14.47 33.74 33.85
C GLY A 98 14.75 32.95 32.59
N VAL A 99 15.10 31.67 32.72
CA VAL A 99 15.47 30.83 31.59
C VAL A 99 14.23 30.11 31.06
N GLY A 100 13.94 30.30 29.76
CA GLY A 100 12.88 29.55 29.12
C GLY A 100 13.19 28.06 29.09
N VAL A 101 12.14 27.25 28.89
CA VAL A 101 12.23 25.81 29.10
C VAL A 101 11.68 25.06 27.89
N VAL A 102 12.43 24.08 27.42
CA VAL A 102 11.90 23.00 26.60
C VAL A 102 12.16 21.71 27.36
N CYS A 103 11.12 20.91 27.53
CA CYS A 103 11.18 19.76 28.42
C CYS A 103 10.77 18.52 27.64
N GLU A 104 11.49 17.44 27.88
CA GLU A 104 11.06 16.20 27.26
C GLU A 104 9.71 15.74 27.82
N LYS A 105 8.96 15.02 27.00
CA LYS A 105 7.63 14.55 27.38
C LYS A 105 7.72 13.37 28.34
N PRO A 106 6.76 13.22 29.27
CA PRO A 106 5.68 14.17 29.56
C PRO A 106 6.23 15.31 30.39
N LEU A 107 5.56 16.47 30.35
CA LEU A 107 6.09 17.67 31.01
C LEU A 107 6.46 17.44 32.47
N ALA A 108 5.63 16.70 33.21
CA ALA A 108 5.86 16.46 34.63
C ALA A 108 5.28 15.11 35.00
N ALA A 109 5.58 14.66 36.22
CA ALA A 109 5.15 13.35 36.69
C ALA A 109 3.71 13.33 37.17
N SER A 110 3.08 14.49 37.33
CA SER A 110 1.67 14.55 37.68
C SER A 110 1.05 15.73 36.97
N ALA A 111 -0.26 15.63 36.74
CA ALA A 111 -1.00 16.74 36.15
C ALA A 111 -0.88 17.99 37.01
N GLU A 112 -0.81 17.81 38.33
CA GLU A 112 -0.71 18.92 39.25
C GLU A 112 0.68 19.56 39.17
N GLU A 113 1.73 18.74 39.03
CA GLU A 113 3.06 19.31 38.82
C GLU A 113 3.13 20.07 37.50
N ALA A 114 2.51 19.52 36.46
CA ALA A 114 2.56 20.15 35.15
C ALA A 114 1.89 21.52 35.18
N GLU A 115 0.70 21.60 35.77
CA GLU A 115 0.03 22.88 35.85
C GLU A 115 0.87 23.90 36.61
N GLU A 116 1.58 23.47 37.65
CA GLU A 116 2.41 24.40 38.42
C GLU A 116 3.53 24.96 37.55
N ILE A 117 4.15 24.12 36.73
CA ILE A 117 5.17 24.61 35.80
C ILE A 117 4.57 25.62 34.82
N VAL A 118 3.39 25.30 34.28
CA VAL A 118 2.76 26.19 33.30
C VAL A 118 2.48 27.56 33.92
N THR A 119 1.94 27.56 35.14
CA THR A 119 1.61 28.83 35.80
C THR A 119 2.86 29.65 36.08
N ALA A 120 3.92 29.00 36.60
CA ALA A 120 5.15 29.71 36.91
C ALA A 120 5.80 30.31 35.65
N ALA A 121 5.80 29.56 34.55
CA ALA A 121 6.36 30.08 33.31
C ALA A 121 5.56 31.28 32.82
N GLU A 122 4.24 31.23 32.98
CA GLU A 122 3.39 32.32 32.50
C GLU A 122 3.60 33.59 33.32
N ARG A 123 3.73 33.45 34.65
CA ARG A 123 3.92 34.62 35.51
C ARG A 123 5.31 35.20 35.37
N ALA A 124 6.33 34.35 35.23
CA ALA A 124 7.67 34.83 34.94
C ALA A 124 7.85 35.24 33.50
N GLY A 125 6.84 35.04 32.65
CA GLY A 125 6.93 35.41 31.24
C GLY A 125 8.02 34.72 30.46
N VAL A 126 8.35 33.48 30.78
CA VAL A 126 9.34 32.72 30.03
C VAL A 126 8.62 31.69 29.16
N ARG A 127 9.25 31.35 28.05
CA ARG A 127 8.69 30.36 27.14
C ARG A 127 8.73 28.97 27.77
N LEU A 128 7.68 28.18 27.52
CA LEU A 128 7.58 26.81 28.04
C LEU A 128 7.05 25.91 26.93
N TYR A 129 7.91 25.01 26.44
CA TYR A 129 7.59 24.05 25.41
C TYR A 129 7.91 22.66 25.91
N ALA A 130 7.28 21.66 25.28
CA ALA A 130 7.60 20.27 25.52
C ALA A 130 7.89 19.60 24.17
N ALA A 131 8.76 18.59 24.20
CA ALA A 131 9.24 17.96 22.97
C ALA A 131 8.29 16.85 22.53
N HIS A 132 7.10 17.24 22.10
CA HIS A 132 6.14 16.29 21.56
C HIS A 132 6.53 15.98 20.12
N ASP A 133 7.46 15.02 19.96
CA ASP A 133 8.14 14.82 18.69
C ASP A 133 7.19 14.51 17.54
N VAL A 134 6.05 13.85 17.82
CA VAL A 134 5.14 13.44 16.75
C VAL A 134 4.71 14.63 15.91
N ARG A 135 4.57 15.81 16.52
CA ARG A 135 4.07 16.96 15.77
C ARG A 135 5.04 17.43 14.69
N PHE A 136 6.29 16.98 14.72
CA PHE A 136 7.32 17.51 13.85
C PHE A 136 7.67 16.55 12.71
N ALA A 137 7.00 15.41 12.61
CA ALA A 137 7.13 14.52 11.47
C ALA A 137 6.02 14.78 10.47
N ALA A 138 6.34 14.55 9.19
CA ALA A 138 5.49 14.98 8.07
C ALA A 138 4.07 14.42 8.07
N PRO A 139 3.81 13.12 8.29
CA PRO A 139 2.40 12.66 8.20
C PRO A 139 1.48 13.37 9.18
N TYR A 140 1.96 13.62 10.40
CA TYR A 140 1.15 14.22 11.46
C TYR A 140 1.01 15.72 11.30
N ALA A 141 2.11 16.41 10.97
CA ALA A 141 2.04 17.82 10.65
C ALA A 141 1.10 18.08 9.46
N ARG A 142 1.15 17.23 8.44
CA ARG A 142 0.27 17.40 7.29
C ARG A 142 -1.19 17.16 7.68
N LEU A 143 -1.44 16.14 8.52
CA LEU A 143 -2.79 15.91 9.03
C LEU A 143 -3.34 17.12 9.77
N HIS A 144 -2.56 17.69 10.70
CA HIS A 144 -3.05 18.87 11.41
C HIS A 144 -3.30 20.03 10.45
N GLU A 145 -2.41 20.19 9.46
CA GLU A 145 -2.59 21.26 8.47
C GLU A 145 -3.92 21.11 7.74
N LEU A 146 -4.26 19.88 7.32
CA LEU A 146 -5.52 19.66 6.62
C LEU A 146 -6.71 19.97 7.52
N VAL A 147 -6.69 19.46 8.75
CA VAL A 147 -7.83 19.64 9.64
C VAL A 147 -8.00 21.10 10.02
N ALA A 148 -6.89 21.79 10.32
CA ALA A 148 -6.97 23.16 10.83
C ALA A 148 -7.35 24.14 9.74
N SER A 149 -6.95 23.86 8.50
CA SER A 149 -7.30 24.68 7.36
C SER A 149 -8.74 24.46 6.87
N GLY A 150 -9.49 23.52 7.47
CA GLY A 150 -10.89 23.29 7.12
C GLY A 150 -11.09 22.25 6.04
N ARG A 151 -10.00 21.67 5.55
CA ARG A 151 -10.04 20.72 4.45
C ARG A 151 -10.85 19.47 4.76
N LEU A 152 -10.89 19.01 6.00
CA LEU A 152 -11.78 17.90 6.33
C LEU A 152 -13.13 18.33 6.88
N GLY A 153 -13.44 19.62 6.88
CA GLY A 153 -14.72 19.98 7.47
C GLY A 153 -14.65 19.83 8.98
N GLU A 154 -15.79 19.43 9.57
CA GLU A 154 -15.87 19.22 11.01
C GLU A 154 -15.40 17.81 11.35
N GLY A 155 -14.36 17.72 12.17
CA GLY A 155 -13.85 16.42 12.55
C GLY A 155 -14.90 15.61 13.29
N ALA A 156 -14.94 14.32 13.01
CA ALA A 156 -15.94 13.46 13.62
C ALA A 156 -15.35 12.24 14.28
N LEU A 157 -14.37 11.59 13.66
CA LEU A 157 -13.96 10.27 14.12
C LEU A 157 -12.51 10.05 13.74
N GLY A 158 -11.71 9.61 14.71
CA GLY A 158 -10.34 9.29 14.39
C GLY A 158 -9.86 8.06 15.10
N ARG A 159 -9.05 7.26 14.42
CA ARG A 159 -8.39 6.13 15.05
C ARG A 159 -6.89 6.30 14.84
N PHE A 160 -6.14 6.12 15.91
CA PHE A 160 -4.70 6.32 15.95
C PHE A 160 -4.08 5.12 16.63
N SER A 161 -2.98 4.59 16.08
CA SER A 161 -2.28 3.56 16.81
C SER A 161 -0.79 3.74 16.72
N PHE A 162 -0.13 3.59 17.87
CA PHE A 162 1.31 3.73 18.02
C PHE A 162 1.81 2.43 18.65
N SER A 163 2.72 1.75 17.96
CA SER A 163 3.13 0.41 18.36
C SER A 163 4.61 0.24 18.14
N ALA A 164 5.33 -0.28 19.13
CA ALA A 164 6.78 -0.39 19.01
C ALA A 164 7.33 -1.51 19.87
N TYR A 165 8.52 -1.95 19.49
CA TYR A 165 9.36 -2.81 20.32
C TYR A 165 10.24 -1.91 21.17
N HIS A 166 10.22 -2.10 22.49
CA HIS A 166 11.08 -1.28 23.36
C HIS A 166 12.46 -1.92 23.48
N PRO A 167 13.51 -1.33 22.91
CA PRO A 167 14.79 -2.03 22.83
C PRO A 167 15.69 -1.89 24.05
N ARG A 168 15.33 -1.05 25.01
CA ARG A 168 16.07 -0.86 26.25
C ARG A 168 15.16 -1.25 27.40
N PRO A 169 15.71 -1.59 28.57
CA PRO A 169 14.86 -1.85 29.73
C PRO A 169 14.29 -0.54 30.29
N TRP A 170 13.15 -0.66 30.96
CA TRP A 170 12.64 0.41 31.80
C TRP A 170 13.25 0.23 33.18
N THR A 171 14.16 1.13 33.56
CA THR A 171 14.82 0.95 34.86
C THR A 171 14.14 1.71 36.00
N GLY A 172 13.32 2.71 35.70
CA GLY A 172 12.63 3.43 36.76
C GLY A 172 11.50 2.62 37.38
N HIS A 173 10.92 3.18 38.43
CA HIS A 173 9.86 2.53 39.18
C HIS A 173 8.54 3.25 38.90
N ALA A 174 7.57 2.51 38.37
CA ALA A 174 6.27 3.09 38.03
C ALA A 174 5.19 2.05 38.24
N SER A 175 4.17 2.40 39.01
CA SER A 175 3.10 1.47 39.37
C SER A 175 2.18 1.19 38.17
N ALA A 176 1.48 0.06 38.26
CA ALA A 176 0.45 -0.24 37.28
C ALA A 176 -0.66 0.81 37.33
N ARG A 177 -1.04 1.27 38.54
CA ARG A 177 -2.06 2.32 38.66
C ARG A 177 -1.69 3.55 37.85
N SER A 178 -0.41 3.89 37.79
CA SER A 178 -0.03 5.05 37.00
C SER A 178 -0.03 4.80 35.49
N GLY A 179 -0.30 3.56 35.06
CA GLY A 179 -0.23 3.19 33.66
C GLY A 179 1.10 2.60 33.21
N GLY A 180 2.15 2.73 34.02
CA GLY A 180 3.46 2.19 33.68
C GLY A 180 3.91 2.41 32.26
N ILE A 181 4.27 1.32 31.56
CA ILE A 181 4.86 1.44 30.24
C ILE A 181 3.86 1.98 29.22
N LEU A 182 2.56 1.76 29.43
CA LEU A 182 1.59 2.23 28.44
C LEU A 182 1.47 3.75 28.43
N THR A 183 1.63 4.38 29.60
CA THR A 183 1.65 5.85 29.67
C THR A 183 2.70 6.42 28.72
N ASP A 184 3.86 5.79 28.63
CA ASP A 184 4.91 6.25 27.71
C ASP A 184 4.43 6.23 26.26
N GLN A 185 3.77 5.16 25.86
CA GLN A 185 3.36 5.03 24.46
C GLN A 185 2.13 5.86 24.18
N LEU A 186 1.30 6.11 25.18
CA LEU A 186 0.04 6.83 24.97
C LEU A 186 0.27 8.31 24.69
N LEU A 187 1.38 8.88 25.15
CA LEU A 187 1.51 10.32 25.00
C LEU A 187 1.53 10.74 23.52
N HIS A 188 2.07 9.92 22.61
CA HIS A 188 2.04 10.27 21.20
C HIS A 188 0.60 10.40 20.70
N GLY A 189 -0.19 9.33 20.92
CA GLY A 189 -1.53 9.29 20.37
C GLY A 189 -2.47 10.28 21.03
N ALA A 190 -2.37 10.44 22.34
CA ALA A 190 -3.22 11.39 23.05
C ALA A 190 -2.91 12.81 22.59
N ASP A 191 -1.63 13.14 22.48
CA ASP A 191 -1.27 14.47 22.00
C ASP A 191 -1.76 14.69 20.57
N LEU A 192 -1.64 13.67 19.70
CA LEU A 192 -2.08 13.82 18.32
C LEU A 192 -3.59 14.04 18.25
N ALA A 193 -4.37 13.22 18.99
CA ALA A 193 -5.82 13.41 19.02
C ALA A 193 -6.21 14.80 19.54
N HIS A 194 -5.56 15.25 20.61
CA HIS A 194 -5.81 16.59 21.14
C HIS A 194 -5.47 17.65 20.11
N TRP A 195 -4.32 17.52 19.44
CA TRP A 195 -3.92 18.48 18.41
C TRP A 195 -4.95 18.56 17.29
N VAL A 196 -5.50 17.42 16.87
CA VAL A 196 -6.31 17.34 15.66
C VAL A 196 -7.76 17.69 15.94
N PHE A 197 -8.31 17.22 17.08
CA PHE A 197 -9.73 17.34 17.37
C PHE A 197 -10.06 18.32 18.48
N GLY A 198 -9.07 18.78 19.25
CA GLY A 198 -9.32 19.73 20.33
C GLY A 198 -9.42 19.08 21.70
N ASP A 199 -9.84 19.90 22.67
CA ASP A 199 -9.88 19.50 24.08
C ASP A 199 -10.64 18.20 24.26
N VAL A 200 -10.12 17.33 25.13
CA VAL A 200 -10.74 16.05 25.47
C VAL A 200 -11.56 16.25 26.74
N VAL A 201 -12.84 15.88 26.70
CA VAL A 201 -13.74 16.02 27.84
C VAL A 201 -14.10 14.69 28.52
N ARG A 202 -13.75 13.55 27.92
CA ARG A 202 -14.06 12.26 28.51
C ARG A 202 -13.04 11.23 28.04
N VAL A 203 -12.57 10.41 28.98
CA VAL A 203 -11.51 9.45 28.71
C VAL A 203 -11.93 8.09 29.26
N HIS A 204 -11.81 7.05 28.44
CA HIS A 204 -11.96 5.68 28.90
C HIS A 204 -10.79 4.88 28.33
N ALA A 205 -10.32 3.91 29.11
CA ALA A 205 -9.19 3.10 28.66
C ALA A 205 -9.21 1.72 29.29
N CYS A 206 -8.75 0.72 28.53
CA CYS A 206 -8.48 -0.62 29.03
C CYS A 206 -7.02 -0.93 28.77
N TYR A 207 -6.29 -1.24 29.83
CA TYR A 207 -4.87 -1.55 29.76
C TYR A 207 -4.69 -3.05 30.00
N GLN A 208 -3.94 -3.69 29.11
CA GLN A 208 -3.74 -5.14 29.17
C GLN A 208 -2.26 -5.44 29.23
N GLY A 209 -1.89 -6.36 30.11
CA GLY A 209 -0.50 -6.74 30.28
C GLY A 209 0.06 -6.29 31.62
N ASP A 210 1.22 -6.84 31.91
CA ASP A 210 2.03 -6.48 33.08
C ASP A 210 2.74 -5.17 32.75
N ILE A 211 2.24 -4.04 33.27
CA ILE A 211 2.72 -2.74 32.80
C ILE A 211 3.59 -2.00 33.82
N ALA A 212 3.71 -2.46 35.05
CA ALA A 212 4.56 -1.76 36.01
C ALA A 212 6.03 -1.88 35.61
N THR A 213 6.84 -0.89 36.03
CA THR A 213 8.28 -0.93 35.84
C THR A 213 8.97 -0.99 37.20
N PRO A 214 10.25 -1.43 37.26
CA PRO A 214 11.15 -1.92 36.20
C PRO A 214 10.56 -3.06 35.36
N ALA A 215 10.92 -3.07 34.08
CA ALA A 215 10.40 -4.04 33.13
C ALA A 215 11.43 -4.19 32.02
N PRO A 216 11.52 -5.37 31.41
CA PRO A 216 12.57 -5.65 30.43
C PRO A 216 12.23 -5.16 29.03
N GLU A 217 13.28 -5.09 28.21
CA GLU A 217 13.10 -4.97 26.77
C GLU A 217 12.09 -5.99 26.30
N GLY A 218 11.28 -5.61 25.31
CA GLY A 218 10.33 -6.53 24.74
C GLY A 218 9.10 -6.82 25.57
N ALA A 219 8.91 -6.13 26.71
CA ALA A 219 7.68 -6.30 27.47
C ALA A 219 6.47 -5.97 26.60
N VAL A 220 5.41 -6.76 26.75
CA VAL A 220 4.23 -6.67 25.88
C VAL A 220 3.11 -6.01 26.65
N ALA A 221 2.48 -5.01 26.04
CA ALA A 221 1.26 -4.47 26.62
C ALA A 221 0.45 -3.79 25.51
N THR A 222 -0.86 -3.72 25.73
CA THR A 222 -1.77 -3.11 24.77
C THR A 222 -2.76 -2.26 25.55
N GLY A 223 -2.86 -0.99 25.18
CA GLY A 223 -3.80 -0.11 25.81
C GLY A 223 -4.74 0.48 24.78
N THR A 224 -6.04 0.45 25.07
CA THR A 224 -7.05 0.94 24.13
C THR A 224 -7.84 2.05 24.80
N ALA A 225 -7.79 3.25 24.22
CA ALA A 225 -8.39 4.43 24.82
C ALA A 225 -9.43 5.05 23.89
N VAL A 226 -10.55 5.49 24.47
CA VAL A 226 -11.59 6.19 23.74
C VAL A 226 -11.69 7.58 24.31
N LEU A 227 -11.40 8.57 23.48
CA LEU A 227 -11.38 9.97 23.90
C LEU A 227 -12.56 10.66 23.25
N THR A 228 -13.34 11.38 24.05
CA THR A 228 -14.40 12.22 23.51
C THR A 228 -13.94 13.67 23.58
N HIS A 229 -14.14 14.40 22.49
CA HIS A 229 -13.66 15.78 22.39
C HIS A 229 -14.80 16.75 22.62
N ALA A 230 -14.45 17.97 23.01
CA ALA A 230 -15.45 19.00 23.25
C ALA A 230 -16.37 19.19 22.04
N SER A 231 -15.81 19.14 20.83
CA SER A 231 -16.62 19.25 19.61
C SER A 231 -17.62 18.12 19.43
N GLY A 232 -17.51 17.03 20.19
CA GLY A 232 -18.26 15.81 19.94
C GLY A 232 -17.49 14.75 19.16
N ALA A 233 -16.38 15.12 18.51
CA ALA A 233 -15.57 14.11 17.84
C ALA A 233 -15.09 13.08 18.85
N ILE A 234 -14.79 11.88 18.32
CA ILE A 234 -14.32 10.75 19.12
C ILE A 234 -13.03 10.21 18.52
N SER A 235 -12.06 9.93 19.37
CA SER A 235 -10.80 9.32 18.98
C SER A 235 -10.66 7.98 19.68
N GLN A 236 -10.28 6.96 18.93
CA GLN A 236 -9.82 5.69 19.49
C GLN A 236 -8.30 5.68 19.36
N VAL A 237 -7.59 5.56 20.48
CA VAL A 237 -6.12 5.57 20.46
C VAL A 237 -5.62 4.25 21.03
N VAL A 238 -4.85 3.51 20.25
CA VAL A 238 -4.30 2.23 20.66
C VAL A 238 -2.79 2.40 20.83
N SER A 239 -2.27 1.93 21.96
CA SER A 239 -0.85 2.03 22.28
C SER A 239 -0.35 0.65 22.63
N ARG A 240 0.77 0.26 22.03
CA ARG A 240 1.26 -1.11 22.07
C ARG A 240 2.76 -1.12 22.26
N TRP A 241 3.22 -2.03 23.09
CA TRP A 241 4.61 -2.46 23.13
C TRP A 241 4.63 -3.92 22.68
N THR A 242 5.53 -4.24 21.76
CA THR A 242 5.57 -5.57 21.17
C THR A 242 6.81 -6.34 21.63
N ALA A 243 6.72 -7.66 21.49
CA ALA A 243 7.77 -8.56 21.97
C ALA A 243 9.03 -8.48 21.11
N THR A 244 8.90 -8.19 19.81
CA THR A 244 10.01 -8.25 18.87
C THR A 244 9.95 -7.06 17.92
N PRO A 245 11.13 -6.60 17.39
CA PRO A 245 11.11 -5.48 16.41
C PRO A 245 10.74 -5.97 15.03
N ARG A 246 9.47 -6.35 14.85
CA ARG A 246 9.00 -6.89 13.57
C ARG A 246 7.62 -6.31 13.24
N PRO A 247 7.56 -5.01 12.92
CA PRO A 247 8.70 -4.10 12.74
C PRO A 247 9.09 -3.37 14.03
N PRO A 248 10.20 -2.63 14.02
CA PRO A 248 10.57 -1.86 15.21
C PRO A 248 9.50 -0.89 15.65
N VAL A 249 8.85 -0.20 14.71
CA VAL A 249 7.84 0.81 14.98
C VAL A 249 6.77 0.71 13.90
N ARG A 250 5.50 0.87 14.29
CA ARG A 250 4.45 1.13 13.31
C ARG A 250 3.47 2.14 13.88
N VAL A 251 3.12 3.13 13.06
CA VAL A 251 2.08 4.11 13.34
C VAL A 251 1.08 4.07 12.20
N ALA A 252 -0.20 4.17 12.54
CA ALA A 252 -1.24 4.26 11.53
C ALA A 252 -2.31 5.18 12.05
N PHE A 253 -3.02 5.85 11.13
CA PHE A 253 -4.21 6.56 11.56
C PHE A 253 -5.21 6.68 10.43
N HIS A 254 -6.45 7.00 10.82
CA HIS A 254 -7.52 7.23 9.86
C HIS A 254 -8.47 8.22 10.50
N VAL A 255 -8.64 9.38 9.86
CA VAL A 255 -9.35 10.50 10.44
C VAL A 255 -10.46 10.91 9.48
N SER A 256 -11.68 11.07 10.01
CA SER A 256 -12.84 11.39 9.18
C SER A 256 -13.54 12.66 9.68
N GLY A 257 -13.86 13.53 8.73
CA GLY A 257 -14.71 14.68 8.99
C GLY A 257 -15.76 14.81 7.90
N THR A 258 -16.55 15.88 8.00
CA THR A 258 -17.62 16.11 7.03
C THR A 258 -17.06 16.32 5.62
N GLY A 259 -15.81 16.77 5.49
CA GLY A 259 -15.17 17.01 4.21
C GLY A 259 -14.40 15.84 3.62
N GLY A 260 -14.37 14.68 4.30
CA GLY A 260 -13.75 13.48 3.80
C GLY A 260 -12.87 12.84 4.86
N SER A 261 -11.94 12.01 4.38
CA SER A 261 -11.09 11.17 5.22
C SER A 261 -9.66 11.20 4.71
N VAL A 262 -8.71 11.06 5.65
CA VAL A 262 -7.30 10.87 5.32
C VAL A 262 -6.74 9.80 6.24
N SER A 263 -5.79 9.04 5.71
CA SER A 263 -5.24 7.88 6.37
C SER A 263 -3.74 7.87 6.21
N TYR A 264 -3.09 7.05 7.04
CA TYR A 264 -1.64 6.94 7.06
C TYR A 264 -1.27 5.57 7.60
N ASP A 265 -0.24 4.98 6.99
CA ASP A 265 0.38 3.76 7.50
C ASP A 265 1.89 3.92 7.32
N SER A 266 2.64 3.97 8.42
CA SER A 266 4.10 4.07 8.32
C SER A 266 4.72 2.90 7.59
N GLU A 267 3.98 1.80 7.42
CA GLU A 267 4.52 0.69 6.63
C GLU A 267 4.50 0.96 5.13
N TRP A 268 3.68 1.91 4.65
CA TRP A 268 3.64 2.20 3.22
C TRP A 268 5.04 2.61 2.75
N PRO A 269 5.42 2.26 1.52
CA PRO A 269 6.73 2.70 1.00
C PRO A 269 6.75 4.20 0.75
N GLN A 270 7.89 4.82 1.02
CA GLN A 270 8.01 6.25 0.74
C GLN A 270 9.07 6.49 -0.35
N GLU A 271 10.09 7.31 -0.09
CA GLU A 271 11.01 7.69 -1.16
C GLU A 271 11.95 6.57 -1.56
N VAL A 272 12.33 5.69 -0.64
CA VAL A 272 13.29 4.62 -0.90
C VAL A 272 12.62 3.29 -0.59
N ARG A 273 12.56 2.41 -1.59
CA ARG A 273 11.87 1.14 -1.43
C ARG A 273 12.66 0.01 -2.08
N VAL A 274 13.11 -0.94 -1.28
CA VAL A 274 13.69 -2.17 -1.79
C VAL A 274 12.52 -3.04 -2.26
N VAL A 275 12.46 -3.31 -3.55
CA VAL A 275 11.30 -4.03 -4.08
C VAL A 275 11.52 -5.53 -4.00
N ASP A 276 12.73 -6.02 -4.26
CA ASP A 276 13.02 -7.45 -4.13
C ASP A 276 14.48 -7.67 -3.79
N GLY A 277 14.78 -8.89 -3.32
CA GLY A 277 16.14 -9.29 -3.02
C GLY A 277 16.56 -9.08 -1.58
N GLY A 278 15.93 -8.15 -0.88
CA GLY A 278 16.10 -8.08 0.56
C GLY A 278 17.29 -7.30 1.05
N ALA A 279 17.85 -6.41 0.22
CA ALA A 279 18.99 -5.63 0.65
C ALA A 279 18.67 -4.84 1.91
N GLY A 280 19.69 -4.65 2.75
CA GLY A 280 19.53 -3.97 4.01
C GLY A 280 20.26 -2.63 4.10
N ASN A 281 20.93 -2.22 3.04
CA ASN A 281 21.75 -1.00 3.09
C ASN A 281 21.08 0.20 2.43
N PHE A 282 19.74 0.24 2.42
CA PHE A 282 19.00 1.34 1.82
C PHE A 282 18.11 2.06 2.85
N ALA A 283 18.57 2.09 4.09
CA ALA A 283 17.81 2.75 5.15
C ALA A 283 17.63 4.23 4.84
N TYR A 284 16.41 4.72 4.96
CA TYR A 284 16.14 6.15 4.82
C TYR A 284 14.86 6.45 5.56
N GLY A 285 14.92 7.42 6.49
CA GLY A 285 13.77 7.71 7.32
C GLY A 285 13.26 9.14 7.25
N GLY A 286 13.70 9.88 6.22
CA GLY A 286 13.36 11.27 6.10
C GLY A 286 14.16 12.17 7.04
N PRO A 287 13.73 13.42 7.13
CA PRO A 287 14.38 14.37 8.05
C PRO A 287 14.21 13.97 9.51
N SER A 288 15.27 14.15 10.29
CA SER A 288 15.20 13.89 11.72
C SER A 288 14.18 14.81 12.39
N VAL A 289 13.25 14.22 13.16
CA VAL A 289 12.31 15.04 13.90
C VAL A 289 13.03 15.94 14.88
N PHE A 290 14.17 15.49 15.41
CA PHE A 290 14.91 16.32 16.37
C PHE A 290 15.52 17.54 15.69
N ASP A 291 16.02 17.40 14.47
CA ASP A 291 16.47 18.58 13.74
C ASP A 291 15.33 19.56 13.53
N THR A 292 14.19 19.06 13.03
CA THR A 292 13.03 19.92 12.81
C THR A 292 12.57 20.56 14.12
N GLU A 293 12.60 19.78 15.20
CA GLU A 293 12.13 20.24 16.50
C GLU A 293 13.01 21.35 17.04
N MET A 294 14.30 21.05 17.25
CA MET A 294 15.18 22.04 17.88
C MET A 294 15.28 23.30 17.03
N ARG A 295 15.33 23.15 15.71
CA ARG A 295 15.36 24.35 14.85
C ARG A 295 14.14 25.23 15.09
N GLU A 296 12.94 24.63 15.17
CA GLU A 296 11.76 25.44 15.42
C GLU A 296 11.79 26.07 16.81
N PHE A 297 12.24 25.31 17.82
CA PHE A 297 12.34 25.85 19.16
C PHE A 297 13.42 26.94 19.24
N ALA A 298 14.58 26.69 18.62
CA ALA A 298 15.65 27.68 18.60
C ALA A 298 15.13 28.99 18.02
N THR A 299 14.42 28.89 16.90
CA THR A 299 13.86 30.06 16.24
C THR A 299 12.93 30.83 17.18
N ALA A 300 12.08 30.11 17.93
CA ALA A 300 11.19 30.77 18.87
C ALA A 300 11.97 31.51 19.96
N PHE A 301 12.94 30.84 20.57
CA PHE A 301 13.71 31.48 21.63
C PHE A 301 14.47 32.70 21.13
N ALA A 302 14.76 32.77 19.83
CA ALA A 302 15.42 33.92 19.23
C ALA A 302 14.43 34.96 18.71
N GLY A 303 13.23 35.03 19.28
CA GLY A 303 12.25 36.02 18.88
C GLY A 303 11.41 35.69 17.66
N GLY A 304 11.58 34.52 17.06
CA GLY A 304 10.78 34.09 15.93
C GLY A 304 9.36 33.71 16.32
N PRO A 305 8.62 33.14 15.37
CA PRO A 305 7.24 32.73 15.66
C PRO A 305 7.17 31.62 16.71
N GLU A 306 6.02 31.54 17.36
CA GLU A 306 5.80 30.49 18.36
C GLU A 306 5.78 29.12 17.67
N PRO A 307 6.34 28.09 18.30
CA PRO A 307 6.38 26.78 17.65
C PRO A 307 4.99 26.15 17.62
N ARG A 308 4.90 25.00 16.95
CA ARG A 308 3.63 24.31 16.74
C ARG A 308 3.10 23.64 18.01
N ILE A 309 3.77 23.79 19.15
CA ILE A 309 3.31 23.20 20.40
C ILE A 309 3.60 24.18 21.52
N GLY A 310 2.61 24.39 22.38
CA GLY A 310 2.71 25.35 23.46
C GLY A 310 2.51 24.70 24.82
N ALA A 311 2.69 25.54 25.85
CA ALA A 311 2.55 25.09 27.23
C ALA A 311 1.22 24.42 27.47
N LYS A 312 0.16 24.95 26.86
CA LYS A 312 -1.14 24.38 27.19
C LYS A 312 -1.29 22.99 26.56
N ASP A 313 -0.55 22.71 25.48
CA ASP A 313 -0.52 21.36 24.89
C ASP A 313 0.24 20.38 25.78
N ALA A 314 1.37 20.80 26.34
CA ALA A 314 2.11 19.94 27.25
C ALA A 314 1.24 19.56 28.44
N LEU A 315 0.47 20.51 28.95
CA LEU A 315 -0.38 20.26 30.10
C LEU A 315 -1.56 19.35 29.74
N ALA A 316 -2.12 19.54 28.53
CA ALA A 316 -3.23 18.70 28.10
C ALA A 316 -2.81 17.25 27.99
N ALA A 317 -1.60 16.98 27.49
CA ALA A 317 -1.19 15.60 27.31
C ALA A 317 -1.08 14.89 28.65
N VAL A 318 -0.44 15.55 29.63
CA VAL A 318 -0.28 14.94 30.95
C VAL A 318 -1.64 14.65 31.58
N ARG A 319 -2.58 15.58 31.46
CA ARG A 319 -3.92 15.37 31.99
C ARG A 319 -4.59 14.15 31.35
N ILE A 320 -4.43 14.00 30.04
CA ILE A 320 -5.09 12.89 29.34
C ILE A 320 -4.48 11.56 29.76
N ILE A 321 -3.15 11.46 29.82
CA ILE A 321 -2.56 10.17 30.09
C ILE A 321 -2.82 9.76 31.55
N HIS A 322 -2.93 10.73 32.46
CA HIS A 322 -3.26 10.36 33.82
C HIS A 322 -4.74 10.00 33.96
N ALA A 323 -5.62 10.64 33.19
CA ALA A 323 -7.01 10.22 33.25
C ALA A 323 -7.18 8.83 32.65
N ALA A 324 -6.43 8.53 31.58
CA ALA A 324 -6.49 7.20 30.98
C ALA A 324 -5.95 6.14 31.94
N ALA A 325 -4.84 6.42 32.63
CA ALA A 325 -4.33 5.47 33.62
C ALA A 325 -5.35 5.21 34.72
N GLU A 326 -6.01 6.26 35.19
CA GLU A 326 -7.02 6.08 36.21
C GLU A 326 -8.21 5.29 35.69
N SER A 327 -8.64 5.60 34.45
CA SER A 327 -9.76 4.86 33.86
C SER A 327 -9.44 3.37 33.76
N ALA A 328 -8.25 3.03 33.28
CA ALA A 328 -7.85 1.63 33.18
C ALA A 328 -7.81 0.96 34.56
N TRP A 329 -7.40 1.69 35.58
CA TRP A 329 -7.28 1.10 36.91
C TRP A 329 -8.63 0.95 37.60
N THR A 330 -9.48 1.96 37.51
CA THR A 330 -10.76 1.94 38.23
C THR A 330 -11.89 1.34 37.41
N GLY A 331 -11.73 1.18 36.09
CA GLY A 331 -12.84 0.75 35.28
C GLY A 331 -13.92 1.79 35.06
N ARG A 332 -13.65 3.04 35.40
CA ARG A 332 -14.62 4.10 35.16
C ARG A 332 -14.13 4.94 33.98
N ALA A 333 -15.07 5.60 33.31
CA ALA A 333 -14.68 6.70 32.44
C ALA A 333 -14.43 7.93 33.30
N VAL A 334 -13.51 8.79 32.85
CA VAL A 334 -13.12 9.99 33.60
C VAL A 334 -13.63 11.22 32.84
N GLU A 335 -14.45 12.04 33.49
CA GLU A 335 -14.98 13.27 32.89
C GLU A 335 -14.00 14.43 33.12
N LEU A 336 -13.69 15.18 32.06
CA LEU A 336 -12.86 16.38 32.17
C LEU A 336 -13.64 17.54 31.57
N PRO A 337 -14.57 18.11 32.34
CA PRO A 337 -15.37 19.23 31.80
C PRO A 337 -14.49 20.42 31.48
N VAL A 338 -14.88 21.16 30.44
CA VAL A 338 -14.19 22.42 30.09
C VAL A 338 -14.62 23.55 31.05
N VAL B 2 -35.07 -28.54 0.73
CA VAL B 2 -34.79 -27.69 1.89
C VAL B 2 -35.76 -26.52 1.94
N LYS B 3 -36.48 -26.41 3.05
CA LYS B 3 -37.43 -25.31 3.25
C LYS B 3 -36.73 -24.19 4.01
N VAL B 4 -36.78 -22.99 3.44
CA VAL B 4 -36.02 -21.87 3.96
C VAL B 4 -36.94 -20.67 4.10
N ALA B 5 -36.63 -19.83 5.08
CA ALA B 5 -37.28 -18.55 5.27
C ALA B 5 -36.21 -17.50 5.50
N ILE B 6 -36.55 -16.28 5.13
CA ILE B 6 -35.61 -15.15 5.12
C ILE B 6 -36.27 -14.03 5.90
N LEU B 7 -35.51 -13.43 6.81
CA LEU B 7 -35.94 -12.23 7.51
C LEU B 7 -34.87 -11.17 7.28
N SER B 8 -35.14 -10.20 6.41
CA SER B 8 -34.14 -9.18 6.11
C SER B 8 -34.79 -7.89 5.65
N SER B 9 -33.98 -6.83 5.61
CA SER B 9 -34.37 -5.57 5.00
C SER B 9 -34.54 -5.68 3.49
N THR B 10 -33.93 -6.68 2.87
CA THR B 10 -34.07 -6.93 1.44
C THR B 10 -34.58 -8.35 1.21
N PRO B 11 -35.79 -8.65 1.66
CA PRO B 11 -36.25 -10.06 1.63
C PRO B 11 -36.43 -10.59 0.22
N GLN B 12 -36.98 -9.80 -0.70
CA GLN B 12 -37.15 -10.28 -2.06
C GLN B 12 -35.81 -10.48 -2.78
N ALA B 13 -34.82 -9.62 -2.49
CA ALA B 13 -33.50 -9.85 -3.08
C ALA B 13 -32.96 -11.23 -2.72
N TYR B 14 -33.16 -11.64 -1.47
CA TYR B 14 -32.71 -12.97 -1.06
C TYR B 14 -33.62 -14.07 -1.59
N ALA B 15 -34.94 -13.86 -1.55
CA ALA B 15 -35.86 -14.87 -2.05
C ALA B 15 -35.59 -15.16 -3.52
N GLY B 16 -35.36 -14.10 -4.30
CA GLY B 16 -35.07 -14.28 -5.72
C GLY B 16 -33.75 -14.99 -5.96
N ALA B 17 -32.75 -14.77 -5.10
CA ALA B 17 -31.49 -15.50 -5.24
C ALA B 17 -31.64 -16.97 -4.89
N LEU B 18 -32.63 -17.32 -4.07
CA LEU B 18 -32.76 -18.67 -3.56
C LEU B 18 -33.80 -19.49 -4.31
N ARG B 19 -34.94 -18.91 -4.67
CA ARG B 19 -36.00 -19.73 -5.20
C ARG B 19 -35.64 -20.22 -6.59
N GLY B 20 -36.20 -21.37 -6.99
CA GLY B 20 -35.85 -22.00 -8.23
C GLY B 20 -34.61 -22.86 -8.19
N LEU B 21 -33.73 -22.66 -7.20
CA LEU B 21 -32.62 -23.56 -6.98
C LEU B 21 -33.16 -24.97 -6.75
N PRO B 22 -32.41 -26.00 -7.15
CA PRO B 22 -32.90 -27.37 -6.95
C PRO B 22 -32.96 -27.72 -5.47
N ASP B 23 -34.03 -28.41 -5.09
CA ASP B 23 -34.26 -28.90 -3.74
C ASP B 23 -34.50 -27.78 -2.72
N VAL B 24 -34.74 -26.56 -3.18
CA VAL B 24 -34.85 -25.38 -2.32
C VAL B 24 -36.22 -24.77 -2.53
N GLU B 25 -36.96 -24.52 -1.44
CA GLU B 25 -38.02 -23.55 -1.67
C GLU B 25 -38.24 -22.63 -0.48
N VAL B 26 -38.53 -21.38 -0.84
CA VAL B 26 -38.65 -20.26 0.07
C VAL B 26 -40.09 -20.24 0.56
N VAL B 27 -40.30 -20.55 1.84
CA VAL B 27 -41.65 -20.65 2.34
C VAL B 27 -42.12 -19.33 2.94
N ALA B 28 -41.19 -18.43 3.28
CA ALA B 28 -41.56 -17.12 3.80
C ALA B 28 -40.37 -16.19 3.64
N ALA B 29 -40.67 -14.92 3.40
CA ALA B 29 -39.64 -13.89 3.27
C ALA B 29 -40.27 -12.56 3.68
N ALA B 30 -39.71 -11.92 4.70
CA ALA B 30 -40.29 -10.71 5.23
C ALA B 30 -39.20 -9.86 5.84
N SER B 31 -39.53 -8.60 6.13
CA SER B 31 -38.68 -7.73 6.93
C SER B 31 -39.10 -7.79 8.39
N TRP B 32 -38.21 -7.31 9.27
CA TRP B 32 -38.48 -7.30 10.71
C TRP B 32 -39.72 -6.50 11.07
N ASP B 33 -40.20 -5.63 10.17
CA ASP B 33 -41.42 -4.87 10.41
C ASP B 33 -42.65 -5.75 10.46
N ALA B 34 -42.61 -6.94 9.88
CA ALA B 34 -43.75 -7.84 9.91
C ALA B 34 -43.29 -9.29 9.77
N PHE B 35 -42.76 -9.86 10.84
CA PHE B 35 -41.96 -11.07 10.74
C PHE B 35 -42.82 -12.33 10.92
N GLU B 36 -44.12 -12.16 11.14
CA GLU B 36 -44.98 -13.30 11.51
C GLU B 36 -44.93 -14.48 10.54
N PRO B 37 -44.97 -14.31 9.22
CA PRO B 37 -44.86 -15.50 8.36
C PRO B 37 -43.53 -16.23 8.50
N VAL B 38 -42.46 -15.52 8.88
CA VAL B 38 -41.17 -16.20 9.03
C VAL B 38 -41.12 -16.97 10.35
N ARG B 39 -41.60 -16.35 11.43
CA ARG B 39 -41.86 -17.08 12.67
C ARG B 39 -42.68 -18.35 12.41
N GLN B 40 -43.75 -18.23 11.63
CA GLN B 40 -44.64 -19.37 11.37
C GLN B 40 -43.92 -20.46 10.58
N ALA B 41 -43.16 -20.05 9.56
CA ALA B 41 -42.34 -21.01 8.83
C ALA B 41 -41.32 -21.68 9.75
N ALA B 42 -40.73 -20.91 10.67
CA ALA B 42 -39.77 -21.50 11.60
C ALA B 42 -40.43 -22.55 12.49
N GLU B 43 -41.62 -22.24 13.00
CA GLU B 43 -42.32 -23.22 13.83
C GLU B 43 -42.67 -24.47 13.04
N ALA B 44 -42.84 -24.36 11.73
CA ALA B 44 -43.11 -25.52 10.90
C ALA B 44 -41.83 -26.25 10.48
N GLY B 45 -40.67 -25.78 10.89
CA GLY B 45 -39.42 -26.49 10.65
C GLY B 45 -38.48 -25.89 9.62
N ALA B 46 -38.80 -24.75 9.02
CA ALA B 46 -37.87 -24.19 8.03
C ALA B 46 -36.57 -23.74 8.70
N ARG B 47 -35.48 -23.77 7.94
CA ARG B 47 -34.30 -23.04 8.39
C ARG B 47 -34.41 -21.59 7.95
N VAL B 48 -33.92 -20.71 8.76
CA VAL B 48 -34.06 -19.31 8.59
C VAL B 48 -32.78 -18.52 8.57
N LEU B 49 -32.64 -17.68 7.58
CA LEU B 49 -31.52 -16.78 7.46
C LEU B 49 -32.06 -15.44 7.88
N CYS B 50 -31.43 -14.89 8.87
CA CYS B 50 -31.88 -13.73 9.52
C CYS B 50 -30.90 -12.58 9.68
N GLU B 51 -31.37 -11.41 9.42
CA GLU B 51 -30.59 -10.24 9.58
C GLU B 51 -30.75 -9.73 11.02
N TYR B 52 -29.77 -9.03 11.56
CA TYR B 52 -29.92 -8.48 12.89
C TYR B 52 -31.12 -7.51 12.91
N PRO B 53 -31.93 -7.64 13.91
CA PRO B 53 -33.11 -6.81 14.05
C PRO B 53 -32.86 -5.41 14.52
N PRO B 54 -33.87 -4.53 14.47
CA PRO B 54 -33.72 -3.20 15.05
C PRO B 54 -33.67 -3.28 16.56
N ALA B 55 -33.14 -2.21 17.18
CA ALA B 55 -32.91 -2.19 18.61
C ALA B 55 -34.19 -2.35 19.42
N ALA B 56 -35.35 -2.07 18.83
CA ALA B 56 -36.62 -2.11 19.54
C ALA B 56 -37.29 -3.48 19.49
N LYS B 57 -36.65 -4.48 18.90
CA LYS B 57 -37.31 -5.75 18.64
C LYS B 57 -36.61 -6.92 19.32
N GLU B 58 -36.00 -6.68 20.49
CA GLU B 58 -35.47 -7.79 21.27
C GLU B 58 -36.51 -8.89 21.49
N THR B 59 -37.75 -8.51 21.77
CA THR B 59 -38.79 -9.52 21.99
C THR B 59 -39.01 -10.38 20.75
N ASP B 60 -39.04 -9.76 19.57
CA ASP B 60 -39.18 -10.53 18.34
C ASP B 60 -37.93 -11.38 18.06
N LEU B 61 -36.75 -10.86 18.38
CA LEU B 61 -35.53 -11.65 18.25
C LEU B 61 -35.61 -12.92 19.09
N LYS B 62 -36.01 -12.79 20.37
CA LYS B 62 -36.10 -13.96 21.25
C LYS B 62 -37.13 -14.95 20.74
N ALA B 63 -38.25 -14.44 20.20
CA ALA B 63 -39.26 -15.29 19.58
C ALA B 63 -38.68 -16.11 18.42
N MET B 64 -37.86 -15.47 17.57
CA MET B 64 -37.24 -16.22 16.47
C MET B 64 -36.27 -17.27 16.99
N ILE B 65 -35.47 -16.92 18.00
CA ILE B 65 -34.55 -17.90 18.57
C ILE B 65 -35.32 -19.11 19.09
N ASP B 66 -36.47 -18.86 19.72
CA ASP B 66 -37.26 -19.95 20.28
C ASP B 66 -37.95 -20.77 19.20
N ALA B 67 -38.44 -20.12 18.14
CA ALA B 67 -39.18 -20.84 17.11
C ALA B 67 -38.26 -21.67 16.23
N ALA B 68 -37.06 -21.16 15.95
CA ALA B 68 -36.18 -21.81 14.97
C ALA B 68 -35.10 -22.67 15.61
N GLY B 69 -34.73 -22.41 16.88
CA GLY B 69 -33.74 -23.23 17.56
C GLY B 69 -32.41 -23.26 16.82
N ASP B 70 -31.89 -24.47 16.58
CA ASP B 70 -30.63 -24.59 15.87
C ASP B 70 -30.77 -24.45 14.36
N ARG B 71 -31.97 -24.14 13.86
CA ARG B 71 -32.17 -23.89 12.44
C ARG B 71 -32.00 -22.41 12.08
N LEU B 72 -31.59 -21.59 13.03
CA LEU B 72 -31.43 -20.16 12.85
C LEU B 72 -29.97 -19.81 12.58
N THR B 73 -29.73 -19.09 11.49
CA THR B 73 -28.42 -18.52 11.16
C THR B 73 -28.62 -17.02 10.93
N PHE B 74 -27.71 -16.21 11.46
CA PHE B 74 -27.78 -14.79 11.20
C PHE B 74 -26.84 -14.40 10.05
N ALA B 75 -27.30 -13.46 9.24
CA ALA B 75 -26.58 -13.06 8.04
C ALA B 75 -25.37 -12.21 8.42
N SER B 76 -24.18 -12.74 8.20
CA SER B 76 -22.93 -12.03 8.53
C SER B 76 -21.90 -12.40 7.47
N PRO B 77 -21.93 -11.72 6.30
CA PRO B 77 -21.17 -12.22 5.14
C PRO B 77 -19.68 -12.43 5.38
N ALA B 78 -19.01 -11.50 6.08
CA ALA B 78 -17.56 -11.63 6.25
C ALA B 78 -17.18 -12.88 7.04
N CYS B 79 -18.12 -13.44 7.82
CA CYS B 79 -17.85 -14.69 8.52
C CYS B 79 -17.57 -15.85 7.57
N HIS B 80 -18.02 -15.76 6.32
CA HIS B 80 -17.97 -16.91 5.42
C HIS B 80 -16.78 -16.91 4.48
N GLY B 81 -15.88 -15.94 4.57
CA GLY B 81 -14.72 -15.92 3.69
C GLY B 81 -13.74 -17.05 3.99
N GLU B 82 -13.18 -17.61 2.92
CA GLU B 82 -12.03 -18.51 3.09
C GLU B 82 -10.86 -17.76 3.75
N ALA B 83 -10.74 -16.47 3.49
CA ALA B 83 -9.74 -15.66 4.19
C ALA B 83 -9.96 -15.68 5.69
N PHE B 84 -11.23 -15.62 6.13
CA PHE B 84 -11.48 -15.65 7.56
C PHE B 84 -11.14 -17.02 8.15
N ALA B 85 -11.42 -18.11 7.42
CA ALA B 85 -11.04 -19.43 7.90
C ALA B 85 -9.52 -19.54 8.07
N VAL B 86 -8.75 -18.92 7.18
CA VAL B 86 -7.30 -18.89 7.34
C VAL B 86 -6.92 -18.13 8.60
N VAL B 87 -7.55 -16.97 8.84
CA VAL B 87 -7.25 -16.18 10.01
C VAL B 87 -7.59 -16.95 11.28
N ARG B 88 -8.79 -17.56 11.31
CA ARG B 88 -9.20 -18.31 12.50
C ARG B 88 -8.24 -19.44 12.79
N LYS B 89 -7.90 -20.21 11.76
CA LYS B 89 -7.00 -21.35 11.94
C LYS B 89 -5.64 -20.89 12.45
N GLY B 90 -5.09 -19.86 11.81
CA GLY B 90 -3.77 -19.39 12.19
C GLY B 90 -3.72 -18.88 13.62
N ILE B 91 -4.76 -18.19 14.06
CA ILE B 91 -4.81 -17.74 15.45
C ILE B 91 -4.93 -18.94 16.39
N ALA B 92 -5.74 -19.93 16.01
CA ALA B 92 -5.92 -21.09 16.87
C ALA B 92 -4.63 -21.87 17.03
N ASP B 93 -3.84 -21.95 15.96
CA ASP B 93 -2.55 -22.63 15.96
C ASP B 93 -1.43 -21.81 16.59
N GLY B 94 -1.74 -20.68 17.23
CA GLY B 94 -0.74 -19.93 17.96
C GLY B 94 0.01 -18.89 17.16
N GLY B 95 -0.45 -18.56 15.94
CA GLY B 95 0.32 -17.70 15.06
C GLY B 95 0.59 -16.30 15.62
N ILE B 96 -0.28 -15.80 16.49
CA ILE B 96 -0.02 -14.52 17.14
C ILE B 96 0.16 -14.69 18.66
N GLY B 97 0.53 -15.88 19.11
CA GLY B 97 0.61 -16.09 20.55
C GLY B 97 -0.77 -16.06 21.19
N GLU B 98 -0.81 -15.68 22.48
CA GLU B 98 -2.08 -15.61 23.19
C GLU B 98 -2.84 -14.36 22.77
N LEU B 99 -4.05 -14.55 22.25
CA LEU B 99 -4.91 -13.47 21.80
C LEU B 99 -5.35 -12.61 22.98
N THR B 100 -5.12 -11.31 22.90
CA THR B 100 -5.58 -10.40 23.95
C THR B 100 -6.62 -9.41 23.50
N THR B 101 -6.59 -8.98 22.23
CA THR B 101 -7.31 -7.77 21.85
C THR B 101 -7.83 -7.90 20.43
N VAL B 102 -9.04 -7.37 20.22
CA VAL B 102 -9.63 -7.34 18.88
C VAL B 102 -9.94 -5.88 18.53
N LEU B 103 -9.41 -5.40 17.42
CA LEU B 103 -9.76 -4.06 16.96
C LEU B 103 -10.41 -4.20 15.59
N GLY B 104 -10.98 -3.11 15.10
CA GLY B 104 -11.74 -3.22 13.87
C GLY B 104 -12.52 -1.97 13.51
N SER B 105 -12.74 -1.77 12.21
CA SER B 105 -13.39 -0.58 11.68
C SER B 105 -14.41 -0.99 10.64
N VAL B 106 -15.50 -0.24 10.56
CA VAL B 106 -16.49 -0.47 9.50
C VAL B 106 -17.15 0.85 9.14
N ALA B 107 -17.48 0.99 7.87
CA ALA B 107 -18.22 2.14 7.38
C ALA B 107 -19.46 1.64 6.67
N THR B 108 -20.59 2.30 6.90
CA THR B 108 -21.84 1.92 6.28
C THR B 108 -22.55 3.17 5.76
N SER B 109 -23.42 2.96 4.76
CA SER B 109 -24.34 4.00 4.31
C SER B 109 -25.54 4.15 5.22
N VAL B 110 -25.83 3.13 6.03
CA VAL B 110 -27.05 3.08 6.83
C VAL B 110 -26.93 4.01 8.04
N ASP B 111 -28.03 4.66 8.39
CA ASP B 111 -28.05 5.54 9.55
C ASP B 111 -28.04 4.74 10.85
N GLY B 112 -27.58 5.38 11.92
CA GLY B 112 -27.45 4.70 13.20
C GLY B 112 -26.37 3.63 13.16
N VAL B 113 -25.12 4.04 12.92
CA VAL B 113 -24.07 3.10 12.53
C VAL B 113 -23.70 2.12 13.63
N LEU B 114 -23.94 2.43 14.90
CA LEU B 114 -23.56 1.51 15.97
C LEU B 114 -24.39 0.21 15.88
N GLY B 115 -25.71 0.32 15.99
CA GLY B 115 -26.55 -0.86 15.80
C GLY B 115 -26.49 -1.44 14.40
N ALA B 116 -26.33 -0.60 13.39
CA ALA B 116 -26.41 -1.07 12.00
C ALA B 116 -25.15 -1.77 11.52
N ALA B 117 -23.97 -1.41 12.03
CA ALA B 117 -22.74 -1.95 11.47
C ALA B 117 -21.85 -2.71 12.46
N ALA B 118 -21.85 -2.33 13.74
CA ALA B 118 -21.01 -3.03 14.72
C ALA B 118 -21.26 -4.54 14.82
N PRO B 119 -22.47 -5.08 14.63
CA PRO B 119 -22.61 -6.55 14.69
C PRO B 119 -21.72 -7.30 13.72
N TYR B 120 -21.44 -6.73 12.54
CA TYR B 120 -20.54 -7.38 11.61
C TYR B 120 -19.14 -7.53 12.20
N LEU B 121 -18.73 -6.60 13.04
CA LEU B 121 -17.44 -6.71 13.70
C LEU B 121 -17.52 -7.67 14.87
N LEU B 122 -18.55 -7.53 15.70
CA LEU B 122 -18.69 -8.40 16.87
C LEU B 122 -18.80 -9.87 16.46
N ASP B 123 -19.49 -10.17 15.36
CA ASP B 123 -19.59 -11.55 14.87
C ASP B 123 -18.23 -12.17 14.60
N LEU B 124 -17.30 -11.37 14.08
CA LEU B 124 -15.98 -11.91 13.79
C LEU B 124 -15.21 -12.13 15.08
N ALA B 125 -15.31 -11.17 16.01
CA ALA B 125 -14.75 -11.35 17.34
C ALA B 125 -15.32 -12.59 18.02
N ASP B 126 -16.66 -12.74 17.99
CA ASP B 126 -17.31 -13.85 18.68
C ASP B 126 -16.83 -15.18 18.14
N ALA B 127 -16.61 -15.28 16.82
CA ALA B 127 -16.15 -16.53 16.24
C ALA B 127 -14.75 -16.90 16.76
N VAL B 128 -13.84 -15.94 16.73
CA VAL B 128 -12.47 -16.20 17.18
C VAL B 128 -12.42 -16.41 18.69
N LEU B 129 -13.26 -15.71 19.44
CA LEU B 129 -13.27 -15.85 20.90
C LEU B 129 -14.08 -17.05 21.39
N GLY B 130 -14.63 -17.85 20.48
CA GLY B 130 -15.44 -19.00 20.90
C GLY B 130 -16.63 -18.62 21.75
N GLY B 131 -17.30 -17.51 21.43
CA GLY B 131 -18.46 -17.09 22.20
C GLY B 131 -18.18 -16.58 23.60
N GLU B 132 -16.96 -16.13 23.86
CA GLU B 132 -16.59 -15.61 25.17
C GLU B 132 -17.60 -14.58 25.65
N PRO B 133 -18.09 -14.67 26.90
CA PRO B 133 -19.08 -13.71 27.40
C PRO B 133 -18.51 -12.33 27.63
N ALA B 134 -19.27 -11.32 27.25
CA ALA B 134 -18.91 -9.94 27.56
C ALA B 134 -19.30 -9.61 28.99
N GLN B 135 -18.47 -8.82 29.65
CA GLN B 135 -18.69 -8.38 31.03
C GLN B 135 -19.10 -6.91 31.13
N GLN B 136 -18.51 -6.04 30.30
CA GLN B 136 -18.75 -4.62 30.40
C GLN B 136 -18.53 -4.00 29.03
N VAL B 137 -19.33 -2.99 28.68
CA VAL B 137 -19.21 -2.29 27.42
C VAL B 137 -19.21 -0.79 27.67
N TYR B 138 -18.28 -0.09 27.01
CA TYR B 138 -18.26 1.37 26.99
C TYR B 138 -18.46 1.85 25.56
N ALA B 139 -19.15 2.96 25.38
CA ALA B 139 -19.33 3.44 24.01
C ALA B 139 -19.61 4.94 24.01
N GLN B 140 -19.25 5.57 22.89
CA GLN B 140 -19.58 6.97 22.60
C GLN B 140 -20.04 7.09 21.15
N THR B 141 -20.92 8.07 20.90
CA THR B 141 -21.46 8.30 19.56
C THR B 141 -21.58 9.80 19.31
N ASN B 142 -21.69 10.17 18.03
CA ASN B 142 -21.94 11.55 17.67
C ASN B 142 -22.68 11.60 16.34
N ILE B 143 -23.13 12.81 16.00
CA ILE B 143 -23.90 13.01 14.77
C ILE B 143 -23.20 14.06 13.94
N VAL B 144 -21.87 14.11 14.02
CA VAL B 144 -21.13 15.13 13.27
C VAL B 144 -21.26 14.90 11.77
N LEU B 145 -21.06 13.66 11.31
CA LEU B 145 -21.19 13.35 9.88
C LEU B 145 -22.67 13.30 9.50
N SER B 146 -22.94 13.50 8.20
CA SER B 146 -24.33 13.57 7.72
C SER B 146 -25.10 12.25 7.89
N ILE B 149 -31.23 11.04 10.69
CA ILE B 149 -31.32 10.58 12.09
C ILE B 149 -30.43 9.46 12.48
N GLY B 150 -30.16 9.39 13.76
CA GLY B 150 -29.32 8.36 14.32
C GLY B 150 -27.85 8.70 14.19
N GLU B 151 -27.06 8.09 15.07
CA GLU B 151 -25.64 8.41 15.13
C GLU B 151 -24.94 8.04 13.82
N SER B 152 -24.03 8.90 13.40
CA SER B 152 -23.23 8.68 12.20
C SER B 152 -21.78 8.32 12.51
N ALA B 153 -21.37 8.29 13.78
CA ALA B 153 -20.09 7.72 14.17
C ALA B 153 -20.20 7.11 15.56
N ALA B 154 -19.47 6.02 15.78
CA ALA B 154 -19.53 5.35 17.08
C ALA B 154 -18.22 4.63 17.34
N VAL B 155 -17.80 4.61 18.61
CA VAL B 155 -16.74 3.73 19.08
C VAL B 155 -17.26 2.99 20.31
N LEU B 156 -17.09 1.67 20.33
CA LEU B 156 -17.42 0.91 21.52
C LEU B 156 -16.23 0.04 21.91
N THR B 157 -16.06 -0.15 23.22
CA THR B 157 -15.07 -1.04 23.77
C THR B 157 -15.75 -2.10 24.63
N VAL B 158 -15.42 -3.36 24.39
CA VAL B 158 -15.99 -4.49 25.11
C VAL B 158 -14.91 -5.14 25.98
N ARG B 159 -15.20 -5.30 27.27
CA ARG B 159 -14.32 -6.09 28.13
C ARG B 159 -15.00 -7.44 28.41
N TYR B 160 -14.33 -8.52 28.03
CA TYR B 160 -14.85 -9.88 28.16
C TYR B 160 -14.44 -10.44 29.52
N ARG B 161 -15.17 -11.46 30.01
CA ARG B 161 -14.75 -11.86 31.36
C ARG B 161 -13.41 -12.60 31.34
N SER B 162 -12.94 -13.05 30.19
CA SER B 162 -11.59 -13.57 30.11
C SER B 162 -10.51 -12.51 30.37
N GLY B 163 -10.87 -11.23 30.44
CA GLY B 163 -9.90 -10.15 30.39
C GLY B 163 -9.55 -9.68 28.99
N GLN B 164 -10.03 -10.34 27.95
CA GLN B 164 -9.78 -9.86 26.60
C GLN B 164 -10.60 -8.61 26.32
N VAL B 165 -10.21 -7.88 25.28
CA VAL B 165 -10.77 -6.57 24.99
C VAL B 165 -11.05 -6.49 23.50
N ALA B 166 -12.22 -5.98 23.11
CA ALA B 166 -12.46 -5.60 21.73
C ALA B 166 -12.86 -4.14 21.69
N SER B 167 -12.46 -3.45 20.63
CA SER B 167 -12.79 -2.04 20.46
C SER B 167 -12.94 -1.73 18.98
N PHE B 168 -14.06 -1.11 18.63
CA PHE B 168 -14.52 -1.01 17.24
C PHE B 168 -14.97 0.40 16.96
N ASP B 169 -14.71 0.87 15.73
CA ASP B 169 -15.17 2.19 15.32
C ASP B 169 -16.05 2.04 14.08
N CYS B 170 -17.15 2.79 14.05
CA CYS B 170 -18.18 2.74 13.02
C CYS B 170 -18.46 4.14 12.51
N ARG B 171 -18.67 4.27 11.20
CA ARG B 171 -18.95 5.59 10.63
C ARG B 171 -19.87 5.47 9.43
N ARG B 172 -20.60 6.54 9.16
CA ARG B 172 -21.50 6.60 8.01
C ARG B 172 -20.83 7.30 6.83
N HIS B 173 -20.92 6.69 5.66
CA HIS B 173 -20.55 7.35 4.41
C HIS B 173 -21.45 6.83 3.30
N GLY B 174 -21.96 7.75 2.46
CA GLY B 174 -22.89 7.34 1.41
C GLY B 174 -22.35 6.29 0.47
N SER B 175 -21.05 6.29 0.25
CA SER B 175 -20.49 5.32 -0.68
C SER B 175 -19.87 4.11 0.02
N ALA B 176 -20.00 4.00 1.34
CA ALA B 176 -19.41 2.88 2.07
C ALA B 176 -20.14 1.58 1.76
N THR B 177 -19.44 0.45 1.94
CA THR B 177 -19.95 -0.86 1.57
C THR B 177 -20.39 -1.72 2.73
N GLY B 178 -20.17 -1.27 3.96
CA GLY B 178 -20.48 -2.10 5.10
C GLY B 178 -19.53 -3.25 5.35
N LEU B 179 -18.45 -3.38 4.59
CA LEU B 179 -17.57 -4.54 4.78
C LEU B 179 -16.59 -4.27 5.93
N PRO B 180 -16.47 -5.19 6.88
CA PRO B 180 -15.61 -4.93 8.05
C PRO B 180 -14.15 -5.25 7.77
N ALA B 181 -13.30 -4.65 8.61
CA ALA B 181 -11.89 -5.00 8.71
C ALA B 181 -11.60 -5.17 10.19
N VAL B 182 -11.00 -6.29 10.57
CA VAL B 182 -10.78 -6.60 11.98
C VAL B 182 -9.32 -6.99 12.17
N THR B 183 -8.74 -6.58 13.30
CA THR B 183 -7.36 -6.89 13.61
C THR B 183 -7.31 -7.65 14.92
N PHE B 184 -6.58 -8.75 14.93
CA PHE B 184 -6.44 -9.58 16.12
C PHE B 184 -5.02 -9.42 16.65
N ILE B 185 -4.92 -8.99 17.90
CA ILE B 185 -3.65 -8.73 18.56
C ILE B 185 -3.43 -9.80 19.61
N GLY B 186 -2.28 -10.49 19.53
CA GLY B 186 -1.82 -11.34 20.60
C GLY B 186 -0.46 -10.90 21.14
N ASP B 187 0.04 -11.65 22.12
CA ASP B 187 1.31 -11.24 22.73
C ASP B 187 2.52 -11.56 21.86
N GLN B 188 2.33 -12.15 20.68
CA GLN B 188 3.43 -12.39 19.74
C GLN B 188 3.21 -11.78 18.37
N GLY B 189 2.18 -10.99 18.16
CA GLY B 189 2.00 -10.37 16.86
C GLY B 189 0.55 -9.96 16.68
N SER B 190 0.21 -9.61 15.44
CA SER B 190 -1.16 -9.23 15.14
C SER B 190 -1.45 -9.46 13.67
N VAL B 191 -2.72 -9.77 13.37
CA VAL B 191 -3.13 -10.17 12.04
C VAL B 191 -4.46 -9.48 11.71
N GLN B 192 -4.60 -9.05 10.46
CA GLN B 192 -5.73 -8.26 10.00
C GLN B 192 -6.53 -9.05 8.98
N TYR B 193 -7.83 -9.16 9.21
CA TYR B 193 -8.79 -9.66 8.23
C TYR B 193 -9.55 -8.46 7.69
N ASP B 194 -9.36 -8.18 6.41
CA ASP B 194 -10.03 -7.08 5.72
C ASP B 194 -10.98 -7.70 4.70
N ALA B 195 -12.29 -7.68 5.00
CA ALA B 195 -13.24 -8.24 4.04
C ALA B 195 -13.40 -7.39 2.79
N GLY B 196 -12.93 -6.13 2.80
CA GLY B 196 -13.06 -5.27 1.64
C GLY B 196 -11.77 -4.55 1.26
N PRO B 197 -10.72 -5.29 0.93
CA PRO B 197 -9.43 -4.66 0.62
C PRO B 197 -9.47 -3.95 -0.73
N GLN B 198 -8.49 -3.05 -0.94
CA GLN B 198 -8.36 -2.37 -2.22
C GLN B 198 -7.67 -3.29 -3.22
N LEU B 199 -8.39 -3.64 -4.29
CA LEU B 199 -7.79 -4.50 -5.32
C LEU B 199 -6.95 -3.68 -6.31
N LEU B 200 -7.51 -2.58 -6.85
CA LEU B 200 -6.81 -1.71 -7.77
C LEU B 200 -6.86 -0.28 -7.25
N GLY B 201 -5.79 0.45 -7.52
CA GLY B 201 -5.72 1.86 -7.20
C GLY B 201 -6.03 2.73 -8.40
N GLY B 202 -5.79 4.02 -8.22
CA GLY B 202 -6.08 5.04 -9.21
C GLY B 202 -7.11 6.02 -8.68
N GLU B 203 -7.66 6.82 -9.62
CA GLU B 203 -8.61 7.86 -9.22
C GLU B 203 -9.83 7.27 -8.53
N ARG B 204 -10.28 6.10 -8.99
CA ARG B 204 -11.44 5.43 -8.39
C ARG B 204 -11.02 4.02 -8.04
N PRO B 205 -10.56 3.80 -6.82
CA PRO B 205 -10.06 2.47 -6.44
C PRO B 205 -11.16 1.42 -6.61
N GLU B 206 -10.73 0.19 -6.86
CA GLU B 206 -11.62 -0.94 -7.00
C GLU B 206 -11.48 -1.82 -5.76
N LEU B 207 -12.63 -2.28 -5.29
CA LEU B 207 -12.75 -3.19 -4.17
C LEU B 207 -12.42 -4.61 -4.62
N GLY B 208 -11.61 -5.30 -3.83
CA GLY B 208 -11.38 -6.71 -4.04
C GLY B 208 -12.30 -7.56 -3.19
N GLY B 209 -11.77 -8.55 -2.51
CA GLY B 209 -12.59 -9.35 -1.62
C GLY B 209 -13.17 -10.57 -2.31
N GLU B 210 -13.87 -11.38 -1.51
CA GLU B 210 -14.51 -12.61 -1.97
C GLU B 210 -15.98 -12.35 -2.25
N ASP B 211 -16.64 -13.31 -2.89
CA ASP B 211 -18.08 -13.22 -3.12
C ASP B 211 -18.76 -13.69 -1.83
N LEU B 212 -18.76 -12.80 -0.83
CA LEU B 212 -19.22 -13.18 0.50
C LEU B 212 -20.72 -13.54 0.51
N GLU B 213 -21.53 -12.84 -0.30
CA GLU B 213 -22.95 -13.17 -0.31
C GLU B 213 -23.17 -14.60 -0.82
N ALA B 214 -22.47 -14.98 -1.89
CA ALA B 214 -22.63 -16.34 -2.42
C ALA B 214 -22.15 -17.40 -1.42
N LEU B 215 -20.99 -17.18 -0.79
CA LEU B 215 -20.51 -18.13 0.20
C LEU B 215 -21.47 -18.23 1.40
N MET B 216 -22.07 -17.11 1.79
CA MET B 216 -22.99 -17.13 2.92
C MET B 216 -24.23 -17.95 2.60
N LEU B 217 -24.80 -17.77 1.40
CA LEU B 217 -25.97 -18.55 1.00
C LEU B 217 -25.62 -20.03 0.80
N LYS B 218 -24.45 -20.32 0.25
CA LYS B 218 -23.97 -21.69 0.14
C LYS B 218 -23.90 -22.37 1.51
N ASP B 219 -23.41 -21.65 2.52
CA ASP B 219 -23.32 -22.23 3.86
C ASP B 219 -24.69 -22.33 4.50
N PHE B 220 -25.57 -21.35 4.26
CA PHE B 220 -26.96 -21.44 4.72
C PHE B 220 -27.64 -22.70 4.18
N LEU B 221 -27.43 -23.02 2.91
CA LEU B 221 -28.08 -24.16 2.28
C LEU B 221 -27.36 -25.48 2.53
N GLY B 222 -26.20 -25.47 3.19
CA GLY B 222 -25.39 -26.65 3.33
C GLY B 222 -25.75 -27.48 4.53
N ALA B 223 -24.88 -28.44 4.85
CA ALA B 223 -25.19 -29.43 5.87
C ALA B 223 -24.61 -29.09 7.24
N GLY B 224 -23.32 -28.82 7.31
CA GLY B 224 -22.64 -28.71 8.58
C GLY B 224 -23.05 -27.47 9.37
N ASP B 225 -22.24 -27.18 10.38
CA ASP B 225 -22.35 -25.94 11.14
C ASP B 225 -21.58 -24.85 10.39
N GLY B 226 -22.31 -23.86 9.90
CA GLY B 226 -21.69 -22.76 9.20
C GLY B 226 -20.79 -21.97 10.12
N PRO B 227 -19.98 -21.06 9.56
CA PRO B 227 -19.12 -20.20 10.37
C PRO B 227 -19.77 -18.93 10.88
N GLY B 228 -21.03 -18.68 10.55
CA GLY B 228 -21.71 -17.48 10.98
C GLY B 228 -22.43 -17.66 12.30
N PRO B 229 -22.94 -16.57 12.85
CA PRO B 229 -23.50 -16.62 14.20
C PRO B 229 -24.82 -17.37 14.24
N ASP B 230 -24.97 -18.22 15.27
CA ASP B 230 -26.23 -18.89 15.56
C ASP B 230 -27.08 -18.00 16.47
N GLY B 231 -28.18 -18.54 16.98
CA GLY B 231 -29.08 -17.72 17.79
C GLY B 231 -28.43 -17.17 19.04
N GLN B 232 -27.65 -17.99 19.75
CA GLN B 232 -27.03 -17.51 20.98
C GLN B 232 -25.98 -16.44 20.69
N ALA B 233 -25.22 -16.63 19.60
CA ALA B 233 -24.23 -15.62 19.21
C ALA B 233 -24.91 -14.30 18.88
N ALA B 234 -26.03 -14.36 18.16
CA ALA B 234 -26.77 -13.14 17.84
C ALA B 234 -27.24 -12.45 19.11
N LEU B 235 -27.71 -13.21 20.09
CA LEU B 235 -28.21 -12.61 21.31
C LEU B 235 -27.07 -11.98 22.12
N ARG B 236 -25.92 -12.67 22.20
CA ARG B 236 -24.73 -12.06 22.81
C ARG B 236 -24.42 -10.72 22.18
N THR B 237 -24.36 -10.69 20.86
CA THR B 237 -23.97 -9.47 20.16
C THR B 237 -25.06 -8.40 20.30
N PHE B 238 -26.33 -8.78 20.20
CA PHE B 238 -27.42 -7.84 20.44
C PHE B 238 -27.31 -7.18 21.82
N ARG B 239 -27.08 -7.98 22.87
CA ARG B 239 -26.97 -7.42 24.22
C ARG B 239 -25.80 -6.46 24.33
N ILE B 240 -24.67 -6.78 23.69
CA ILE B 240 -23.54 -5.84 23.69
C ILE B 240 -23.95 -4.51 23.10
N ILE B 241 -24.66 -4.54 21.96
CA ILE B 241 -25.05 -3.31 21.28
C ILE B 241 -25.97 -2.47 22.15
N GLN B 242 -26.95 -3.12 22.79
CA GLN B 242 -27.89 -2.38 23.62
C GLN B 242 -27.17 -1.73 24.80
N ALA B 243 -26.22 -2.45 25.39
CA ALA B 243 -25.38 -1.87 26.44
C ALA B 243 -24.54 -0.71 25.89
N ALA B 244 -24.02 -0.83 24.67
CA ALA B 244 -23.26 0.27 24.07
C ALA B 244 -24.11 1.54 23.97
N TYR B 245 -25.33 1.41 23.43
CA TYR B 245 -26.23 2.56 23.32
C TYR B 245 -26.50 3.19 24.69
N GLU B 246 -26.68 2.35 25.71
CA GLU B 246 -26.85 2.88 27.07
C GLU B 246 -25.60 3.63 27.53
N SER B 247 -24.41 3.07 27.27
CA SER B 247 -23.17 3.73 27.69
C SER B 247 -22.99 5.06 26.97
N ALA B 248 -23.30 5.10 25.66
CA ALA B 248 -23.19 6.36 24.92
C ALA B 248 -24.09 7.43 25.50
N HIS B 249 -25.12 7.05 26.23
CA HIS B 249 -25.99 8.02 26.88
C HIS B 249 -25.52 8.37 28.29
N THR B 250 -25.02 7.39 29.04
CA THR B 250 -24.61 7.69 30.41
C THR B 250 -23.19 8.23 30.49
N GLY B 251 -22.32 7.93 29.53
CA GLY B 251 -20.93 8.33 29.68
C GLY B 251 -20.11 7.42 30.57
N GLN B 252 -20.62 6.26 30.92
CA GLN B 252 -19.94 5.31 31.77
C GLN B 252 -20.11 3.91 31.19
N PRO B 253 -19.19 3.00 31.48
CA PRO B 253 -19.40 1.61 31.06
C PRO B 253 -20.65 1.02 31.68
N VAL B 254 -21.22 0.06 30.96
CA VAL B 254 -22.47 -0.59 31.35
C VAL B 254 -22.17 -2.07 31.57
N ASP B 255 -22.66 -2.59 32.69
CA ASP B 255 -22.46 -4.00 33.03
C ASP B 255 -23.52 -4.87 32.37
N LEU B 256 -23.08 -6.05 31.96
CA LEU B 256 -23.89 -7.09 31.33
C LEU B 256 -24.16 -8.18 32.36
N ARG C 17 -25.21 -35.24 -19.32
CA ARG C 17 -24.11 -36.03 -18.80
C ARG C 17 -22.83 -35.24 -18.46
N GLN C 18 -22.00 -35.86 -17.64
CA GLN C 18 -20.72 -35.31 -17.23
C GLN C 18 -19.86 -34.99 -18.46
N LEU C 19 -19.20 -33.84 -18.44
CA LEU C 19 -18.23 -33.52 -19.49
C LEU C 19 -17.04 -34.48 -19.40
N GLU C 20 -16.58 -34.98 -20.55
CA GLU C 20 -15.46 -35.91 -20.62
C GLU C 20 -14.19 -35.18 -21.10
N VAL C 21 -13.16 -35.16 -20.25
CA VAL C 21 -11.93 -34.41 -20.53
C VAL C 21 -10.76 -35.38 -20.60
N ALA C 22 -10.05 -35.38 -21.73
CA ALA C 22 -8.77 -36.06 -21.85
C ALA C 22 -7.66 -35.13 -21.39
N LEU C 23 -6.95 -35.52 -20.33
CA LEU C 23 -5.85 -34.72 -19.82
C LEU C 23 -4.53 -35.38 -20.23
N ILE C 24 -3.72 -34.68 -21.02
CA ILE C 24 -2.46 -35.23 -21.54
C ILE C 24 -1.29 -34.58 -20.82
N GLY C 25 -0.42 -35.40 -20.26
CA GLY C 25 0.62 -34.93 -19.37
C GLY C 25 0.30 -35.26 -17.93
N ALA C 26 1.35 -35.32 -17.11
CA ALA C 26 1.18 -35.62 -15.69
C ALA C 26 2.19 -34.89 -14.83
N GLY C 27 2.67 -33.73 -15.28
CA GLY C 27 3.53 -32.89 -14.46
C GLY C 27 2.75 -32.06 -13.47
N LEU C 28 3.39 -31.00 -12.98
CA LEU C 28 2.77 -30.20 -11.93
C LEU C 28 1.55 -29.44 -12.45
N ILE C 29 1.64 -28.85 -13.65
CA ILE C 29 0.48 -28.13 -14.20
C ILE C 29 -0.66 -29.11 -14.46
N ALA C 30 -0.35 -30.28 -15.02
CA ALA C 30 -1.37 -31.30 -15.21
C ALA C 30 -2.08 -31.62 -13.89
N ARG C 31 -1.31 -31.74 -12.80
CA ARG C 31 -1.90 -32.04 -11.50
C ARG C 31 -2.84 -30.92 -11.05
N LEU C 32 -2.41 -29.66 -11.22
CA LEU C 32 -3.27 -28.54 -10.88
C LEU C 32 -4.52 -28.51 -11.76
N HIS C 33 -4.37 -28.78 -13.06
CA HIS C 33 -5.52 -28.78 -13.95
C HIS C 33 -6.48 -29.90 -13.61
N LEU C 34 -5.94 -31.08 -13.25
CA LEU C 34 -6.79 -32.22 -12.94
C LEU C 34 -7.71 -31.93 -11.77
N GLU C 35 -7.14 -31.48 -10.66
CA GLU C 35 -7.93 -31.08 -9.49
C GLU C 35 -9.05 -30.12 -9.89
N ALA C 36 -8.74 -29.14 -10.74
CA ALA C 36 -9.73 -28.14 -11.13
C ALA C 36 -10.81 -28.74 -12.04
N TRP C 37 -10.43 -29.59 -12.99
CA TRP C 37 -11.45 -30.21 -13.85
C TRP C 37 -12.43 -31.03 -13.00
N LEU C 38 -11.89 -31.86 -12.09
CA LEU C 38 -12.74 -32.66 -11.22
C LEU C 38 -13.63 -31.78 -10.36
N GLY C 39 -13.09 -30.69 -9.81
CA GLY C 39 -13.90 -29.75 -9.05
C GLY C 39 -15.00 -29.10 -9.88
N ALA C 40 -14.78 -28.96 -11.19
CA ALA C 40 -15.78 -28.40 -12.11
C ALA C 40 -16.89 -29.39 -12.45
N GLY C 41 -16.83 -30.61 -11.93
CA GLY C 41 -17.81 -31.64 -12.23
C GLY C 41 -17.51 -32.50 -13.44
N ALA C 42 -16.32 -32.39 -14.02
CA ALA C 42 -15.98 -33.14 -15.22
C ALA C 42 -15.40 -34.52 -14.86
N ALA C 43 -15.38 -35.40 -15.85
CA ALA C 43 -14.79 -36.71 -15.77
C ALA C 43 -13.51 -36.73 -16.62
N VAL C 44 -12.42 -37.13 -16.02
CA VAL C 44 -11.13 -37.08 -16.65
C VAL C 44 -10.42 -38.40 -16.86
N ARG C 45 -9.77 -38.50 -18.01
CA ARG C 45 -8.94 -39.58 -18.43
C ARG C 45 -7.59 -39.00 -18.53
N VAL C 46 -6.64 -39.54 -17.84
CA VAL C 46 -5.31 -39.01 -17.88
C VAL C 46 -4.34 -39.91 -18.66
N TYR C 47 -3.47 -39.33 -19.45
CA TYR C 47 -2.47 -40.07 -20.18
C TYR C 47 -1.17 -39.32 -20.34
N SER C 48 -0.06 -39.96 -20.02
CA SER C 48 1.26 -39.43 -20.33
C SER C 48 2.15 -40.59 -20.79
N ASP C 49 3.09 -40.29 -21.71
CA ASP C 49 3.96 -41.33 -22.21
C ASP C 49 4.84 -41.91 -21.11
N ASP C 50 5.23 -41.10 -20.13
CA ASP C 50 6.11 -41.57 -19.07
C ASP C 50 5.38 -42.35 -17.98
N GLY C 51 4.08 -42.62 -18.14
CA GLY C 51 3.37 -43.45 -17.19
C GLY C 51 2.96 -42.77 -15.89
N ARG C 52 3.42 -41.55 -15.61
CA ARG C 52 3.06 -40.86 -14.37
C ARG C 52 1.56 -40.63 -14.27
N SER C 53 0.86 -40.68 -15.39
CA SER C 53 -0.56 -40.40 -15.41
C SER C 53 -1.35 -41.43 -14.59
N ARG C 54 -0.87 -42.66 -14.46
CA ARG C 54 -1.72 -43.63 -13.79
C ARG C 54 -1.72 -43.42 -12.27
N GLU C 55 -0.59 -43.03 -11.67
CA GLU C 55 -0.63 -42.71 -10.24
C GLU C 55 -1.31 -41.36 -10.00
N LEU C 56 -1.15 -40.41 -10.91
CA LEU C 56 -1.91 -39.17 -10.82
C LEU C 56 -3.41 -39.43 -10.83
N ALA C 57 -3.88 -40.20 -11.82
CA ALA C 57 -5.29 -40.53 -11.93
C ALA C 57 -5.80 -41.25 -10.68
N ALA C 58 -5.02 -42.21 -10.17
CA ALA C 58 -5.43 -43.00 -9.01
C ALA C 58 -5.58 -42.13 -7.77
N GLU C 59 -4.67 -41.18 -7.57
CA GLU C 59 -4.72 -40.30 -6.40
C GLU C 59 -5.99 -39.46 -6.38
N PHE C 60 -6.53 -39.09 -7.54
CA PHE C 60 -7.70 -38.24 -7.61
C PHE C 60 -8.96 -38.97 -8.01
N GLY C 61 -8.90 -40.28 -8.23
CA GLY C 61 -10.08 -41.01 -8.63
C GLY C 61 -10.46 -40.88 -10.09
N ALA C 62 -9.55 -40.40 -10.95
CA ALA C 62 -9.83 -40.29 -12.37
C ALA C 62 -9.42 -41.58 -13.08
N LYS C 63 -9.76 -41.65 -14.37
CA LYS C 63 -9.39 -42.80 -15.18
C LYS C 63 -7.99 -42.63 -15.76
N ALA C 64 -7.20 -43.69 -15.69
CA ALA C 64 -5.94 -43.77 -16.41
C ALA C 64 -6.21 -44.39 -17.76
N ALA C 65 -5.95 -43.64 -18.83
CA ALA C 65 -6.03 -44.20 -20.17
C ALA C 65 -4.68 -44.79 -20.58
N GLY C 66 -4.73 -45.76 -21.49
CA GLY C 66 -3.55 -46.49 -21.90
C GLY C 66 -2.81 -45.93 -23.09
N SER C 67 -3.36 -44.94 -23.77
CA SER C 67 -2.73 -44.30 -24.91
C SER C 67 -3.40 -42.97 -25.16
N LEU C 68 -2.75 -42.13 -25.97
CA LEU C 68 -3.39 -40.91 -26.42
C LEU C 68 -4.71 -41.20 -27.13
N GLU C 69 -4.70 -42.20 -28.01
CA GLU C 69 -5.91 -42.50 -28.78
C GLU C 69 -7.06 -42.88 -27.86
N GLU C 70 -6.78 -43.72 -26.85
CA GLU C 70 -7.82 -44.13 -25.92
C GLU C 70 -8.26 -42.99 -25.01
N ALA C 71 -7.35 -42.09 -24.66
CA ALA C 71 -7.74 -40.90 -23.92
C ALA C 71 -8.71 -40.05 -24.71
N LEU C 72 -8.47 -39.92 -26.02
CA LEU C 72 -9.34 -39.09 -26.85
C LEU C 72 -10.67 -39.76 -27.17
N ASP C 73 -10.75 -41.08 -27.11
CA ASP C 73 -11.93 -41.78 -27.62
C ASP C 73 -13.12 -41.51 -26.70
N GLY C 74 -14.11 -40.81 -27.23
CA GLY C 74 -15.28 -40.45 -26.45
C GLY C 74 -15.12 -39.21 -25.59
N ALA C 75 -14.03 -38.47 -25.74
CA ALA C 75 -13.81 -37.25 -24.97
C ALA C 75 -14.48 -36.06 -25.65
N ASP C 76 -14.94 -35.11 -24.84
CA ASP C 76 -15.42 -33.85 -25.40
C ASP C 76 -14.27 -32.86 -25.65
N ALA C 77 -13.26 -32.88 -24.79
CA ALA C 77 -12.17 -31.93 -24.89
C ALA C 77 -10.88 -32.59 -24.41
N VAL C 78 -9.76 -32.07 -24.90
CA VAL C 78 -8.46 -32.48 -24.42
C VAL C 78 -7.76 -31.27 -23.82
N ASP C 79 -7.08 -31.49 -22.70
CA ASP C 79 -6.29 -30.46 -22.02
C ASP C 79 -4.83 -30.86 -22.19
N ILE C 80 -4.09 -30.07 -22.97
CA ILE C 80 -2.74 -30.44 -23.35
C ILE C 80 -1.79 -29.78 -22.35
N CYS C 81 -1.27 -30.58 -21.42
CA CYS C 81 -0.38 -30.12 -20.35
C CYS C 81 0.98 -30.77 -20.49
N THR C 82 1.51 -30.72 -21.70
CA THR C 82 2.81 -31.29 -22.06
C THR C 82 3.72 -30.15 -22.48
N PRO C 83 5.03 -30.36 -22.62
CA PRO C 83 5.91 -29.29 -23.10
C PRO C 83 5.45 -28.76 -24.45
N THR C 84 5.80 -27.49 -24.70
CA THR C 84 5.31 -26.74 -25.86
C THR C 84 5.50 -27.50 -27.18
N ALA C 85 6.69 -28.06 -27.40
CA ALA C 85 6.99 -28.68 -28.69
C ALA C 85 6.04 -29.81 -29.06
N SER C 86 5.38 -30.42 -28.08
CA SER C 86 4.47 -31.50 -28.39
C SER C 86 3.03 -31.03 -28.63
N HIS C 87 2.71 -29.76 -28.34
CA HIS C 87 1.33 -29.31 -28.48
C HIS C 87 0.80 -29.55 -29.89
N HIS C 88 1.64 -29.29 -30.91
CA HIS C 88 1.17 -29.30 -32.30
C HIS C 88 0.60 -30.67 -32.70
N GLU C 89 1.37 -31.76 -32.55
CA GLU C 89 0.78 -33.03 -32.95
C GLU C 89 -0.42 -33.40 -32.10
N ILE C 90 -0.30 -33.21 -30.79
CA ILE C 90 -1.39 -33.61 -29.91
C ILE C 90 -2.66 -32.88 -30.30
N ALA C 91 -2.57 -31.56 -30.51
CA ALA C 91 -3.75 -30.77 -30.85
C ALA C 91 -4.35 -31.22 -32.17
N LEU C 92 -3.51 -31.41 -33.19
CA LEU C 92 -4.00 -31.87 -34.49
C LEU C 92 -4.63 -33.25 -34.40
N THR C 93 -4.02 -34.17 -33.65
CA THR C 93 -4.65 -35.46 -33.40
C THR C 93 -6.04 -35.26 -32.78
N ALA C 94 -6.13 -34.38 -31.79
CA ALA C 94 -7.41 -34.14 -31.14
C ALA C 94 -8.44 -33.53 -32.11
N ILE C 95 -8.03 -32.54 -32.89
CA ILE C 95 -8.95 -31.89 -33.83
C ILE C 95 -9.53 -32.92 -34.80
N ALA C 96 -8.67 -33.81 -35.32
CA ALA C 96 -9.13 -34.80 -36.30
C ALA C 96 -10.21 -35.72 -35.72
N ALA C 97 -10.12 -36.04 -34.44
CA ALA C 97 -11.16 -36.84 -33.79
C ALA C 97 -12.37 -36.02 -33.33
N GLY C 98 -12.51 -34.77 -33.76
CA GLY C 98 -13.66 -33.97 -33.36
C GLY C 98 -13.61 -33.48 -31.93
N VAL C 99 -12.45 -33.50 -31.28
CA VAL C 99 -12.29 -33.16 -29.87
C VAL C 99 -11.77 -31.73 -29.75
N GLY C 100 -12.45 -30.91 -28.94
CA GLY C 100 -11.98 -29.56 -28.68
C GLY C 100 -10.70 -29.53 -27.87
N VAL C 101 -10.00 -28.40 -27.90
CA VAL C 101 -8.65 -28.30 -27.35
C VAL C 101 -8.55 -27.15 -26.35
N VAL C 102 -8.00 -27.43 -25.17
CA VAL C 102 -7.42 -26.45 -24.26
C VAL C 102 -5.95 -26.76 -24.15
N CYS C 103 -5.11 -25.81 -24.50
CA CYS C 103 -3.67 -26.04 -24.57
C CYS C 103 -2.98 -25.18 -23.52
N GLU C 104 -2.04 -25.77 -22.79
CA GLU C 104 -1.23 -24.95 -21.89
C GLU C 104 -0.44 -23.92 -22.70
N LYS C 105 -0.20 -22.74 -22.13
CA LYS C 105 0.46 -21.71 -22.92
C LYS C 105 1.95 -22.01 -23.05
N PRO C 106 2.58 -21.61 -24.16
CA PRO C 106 1.89 -21.05 -25.34
C PRO C 106 1.28 -22.13 -26.22
N LEU C 107 0.38 -21.72 -27.12
CA LEU C 107 -0.35 -22.67 -27.94
C LEU C 107 0.58 -23.64 -28.65
N ALA C 108 1.70 -23.15 -29.18
CA ALA C 108 2.62 -23.99 -29.93
C ALA C 108 4.00 -23.34 -29.96
N ALA C 109 4.97 -24.04 -30.55
CA ALA C 109 6.37 -23.61 -30.50
C ALA C 109 6.74 -22.62 -31.61
N SER C 110 5.86 -22.44 -32.60
CA SER C 110 6.10 -21.43 -33.63
C SER C 110 4.78 -20.83 -34.05
N ALA C 111 4.85 -19.62 -34.62
CA ALA C 111 3.64 -18.99 -35.16
C ALA C 111 3.03 -19.86 -36.24
N GLU C 112 3.86 -20.46 -37.09
CA GLU C 112 3.35 -21.32 -38.16
C GLU C 112 2.59 -22.51 -37.61
N GLU C 113 3.12 -23.15 -36.55
CA GLU C 113 2.40 -24.25 -35.92
C GLU C 113 1.09 -23.78 -35.33
N ALA C 114 1.12 -22.65 -34.62
CA ALA C 114 -0.09 -22.10 -34.02
C ALA C 114 -1.17 -21.85 -35.07
N GLU C 115 -0.78 -21.27 -36.23
CA GLU C 115 -1.76 -21.03 -37.29
C GLU C 115 -2.38 -22.32 -37.80
N GLU C 116 -1.56 -23.35 -38.00
CA GLU C 116 -2.10 -24.62 -38.47
C GLU C 116 -3.13 -25.18 -37.50
N ILE C 117 -2.87 -25.03 -36.19
CA ILE C 117 -3.82 -25.52 -35.20
C ILE C 117 -5.10 -24.70 -35.25
N VAL C 118 -4.96 -23.37 -35.28
CA VAL C 118 -6.12 -22.49 -35.37
C VAL C 118 -6.94 -22.82 -36.61
N THR C 119 -6.28 -22.90 -37.77
CA THR C 119 -6.99 -23.21 -39.00
C THR C 119 -7.69 -24.57 -38.91
N ALA C 120 -6.96 -25.60 -38.47
CA ALA C 120 -7.56 -26.93 -38.37
C ALA C 120 -8.77 -26.92 -37.44
N ALA C 121 -8.66 -26.23 -36.30
CA ALA C 121 -9.78 -26.18 -35.37
C ALA C 121 -11.00 -25.55 -36.02
N GLU C 122 -10.81 -24.47 -36.78
CA GLU C 122 -11.92 -23.82 -37.45
C GLU C 122 -12.58 -24.75 -38.46
N ARG C 123 -11.79 -25.28 -39.40
CA ARG C 123 -12.32 -26.15 -40.44
C ARG C 123 -13.11 -27.32 -39.86
N ALA C 124 -12.64 -27.87 -38.73
CA ALA C 124 -13.35 -28.98 -38.11
C ALA C 124 -14.49 -28.52 -37.21
N GLY C 125 -14.65 -27.22 -37.01
CA GLY C 125 -15.68 -26.72 -36.10
C GLY C 125 -15.58 -27.21 -34.67
N VAL C 126 -14.37 -27.20 -34.10
CA VAL C 126 -14.20 -27.56 -32.71
C VAL C 126 -13.54 -26.37 -31.99
N ARG C 127 -13.77 -26.32 -30.68
CA ARG C 127 -13.30 -25.21 -29.87
C ARG C 127 -11.79 -25.30 -29.65
N LEU C 128 -11.13 -24.15 -29.61
CA LEU C 128 -9.69 -24.08 -29.37
C LEU C 128 -9.41 -22.93 -28.42
N TYR C 129 -8.87 -23.25 -27.25
CA TYR C 129 -8.48 -22.24 -26.28
C TYR C 129 -7.08 -22.54 -25.76
N ALA C 130 -6.47 -21.52 -25.18
CA ALA C 130 -5.22 -21.69 -24.47
C ALA C 130 -5.43 -21.20 -23.04
N ALA C 131 -4.68 -21.81 -22.11
CA ALA C 131 -4.81 -21.51 -20.70
C ALA C 131 -3.95 -20.30 -20.33
N HIS C 132 -4.43 -19.11 -20.69
CA HIS C 132 -3.75 -17.88 -20.29
C HIS C 132 -4.22 -17.52 -18.88
N ASP C 133 -3.55 -18.12 -17.89
CA ASP C 133 -4.01 -18.07 -16.50
C ASP C 133 -4.25 -16.64 -16.01
N VAL C 134 -3.44 -15.68 -16.45
CA VAL C 134 -3.52 -14.31 -15.94
C VAL C 134 -4.92 -13.72 -16.10
N ARG C 135 -5.63 -14.07 -17.18
CA ARG C 135 -6.96 -13.51 -17.43
C ARG C 135 -7.98 -13.91 -16.38
N PHE C 136 -7.69 -14.96 -15.61
CA PHE C 136 -8.66 -15.57 -14.72
C PHE C 136 -8.43 -15.21 -13.26
N ALA C 137 -7.45 -14.35 -12.98
CA ALA C 137 -7.23 -13.84 -11.63
C ALA C 137 -7.79 -12.42 -11.52
N ALA C 138 -8.36 -12.11 -10.34
CA ALA C 138 -9.16 -10.91 -10.15
C ALA C 138 -8.51 -9.59 -10.56
N PRO C 139 -7.24 -9.29 -10.24
CA PRO C 139 -6.74 -7.94 -10.60
C PRO C 139 -6.77 -7.69 -12.10
N TYR C 140 -6.46 -8.71 -12.89
CA TYR C 140 -6.36 -8.53 -14.33
C TYR C 140 -7.73 -8.61 -14.98
N ALA C 141 -8.59 -9.50 -14.49
CA ALA C 141 -9.94 -9.55 -15.03
C ALA C 141 -10.70 -8.26 -14.72
N ARG C 142 -10.50 -7.69 -13.52
CA ARG C 142 -11.14 -6.41 -13.19
C ARG C 142 -10.62 -5.28 -14.06
N LEU C 143 -9.29 -5.25 -14.30
CA LEU C 143 -8.73 -4.24 -15.20
C LEU C 143 -9.36 -4.34 -16.58
N HIS C 144 -9.45 -5.56 -17.13
CA HIS C 144 -10.06 -5.69 -18.45
C HIS C 144 -11.53 -5.28 -18.41
N GLU C 145 -12.23 -5.65 -17.34
CA GLU C 145 -13.62 -5.25 -17.20
C GLU C 145 -13.76 -3.71 -17.20
N LEU C 146 -12.89 -3.02 -16.44
CA LEU C 146 -12.91 -1.55 -16.47
C LEU C 146 -12.68 -1.03 -17.88
N VAL C 147 -11.68 -1.58 -18.58
CA VAL C 147 -11.31 -1.04 -19.89
C VAL C 147 -12.41 -1.33 -20.91
N ALA C 148 -12.87 -2.59 -20.97
CA ALA C 148 -13.85 -2.96 -21.99
C ALA C 148 -15.19 -2.28 -21.79
N SER C 149 -15.59 -2.01 -20.56
CA SER C 149 -16.83 -1.29 -20.28
C SER C 149 -16.70 0.23 -20.39
N GLY C 150 -15.57 0.76 -20.86
CA GLY C 150 -15.41 2.17 -21.14
C GLY C 150 -14.98 3.05 -19.98
N ARG C 151 -14.78 2.51 -18.79
CA ARG C 151 -14.48 3.39 -17.66
C ARG C 151 -13.10 4.05 -17.73
N LEU C 152 -12.16 3.57 -18.56
CA LEU C 152 -10.92 4.31 -18.75
C LEU C 152 -10.89 5.15 -20.00
N GLY C 153 -12.01 5.28 -20.70
CA GLY C 153 -11.94 6.00 -21.95
C GLY C 153 -11.12 5.22 -22.97
N GLU C 154 -10.44 5.95 -23.84
CA GLU C 154 -9.53 5.38 -24.82
C GLU C 154 -8.19 5.07 -24.15
N GLY C 155 -7.70 3.84 -24.30
CA GLY C 155 -6.42 3.49 -23.70
C GLY C 155 -5.26 4.21 -24.39
N ALA C 156 -4.30 4.65 -23.58
CA ALA C 156 -3.15 5.39 -24.11
C ALA C 156 -1.83 4.71 -23.79
N LEU C 157 -1.65 4.26 -22.56
CA LEU C 157 -0.32 3.88 -22.11
C LEU C 157 -0.48 2.90 -20.95
N GLY C 158 0.32 1.85 -20.95
CA GLY C 158 0.30 0.91 -19.85
C GLY C 158 1.69 0.38 -19.54
N ARG C 159 2.00 0.17 -18.26
CA ARG C 159 3.20 -0.57 -17.91
C ARG C 159 2.80 -1.81 -17.12
N PHE C 160 3.46 -2.92 -17.44
CA PHE C 160 3.20 -4.21 -16.80
C PHE C 160 4.54 -4.81 -16.41
N SER C 161 4.60 -5.45 -15.23
CA SER C 161 5.82 -6.15 -14.86
C SER C 161 5.47 -7.44 -14.14
N PHE C 162 6.10 -8.52 -14.58
CA PHE C 162 5.93 -9.87 -14.03
C PHE C 162 7.31 -10.37 -13.59
N SER C 163 7.49 -10.55 -12.27
CA SER C 163 8.77 -10.96 -11.70
C SER C 163 8.55 -12.12 -10.73
N ALA C 164 9.39 -13.14 -10.83
CA ALA C 164 9.31 -14.28 -9.94
C ALA C 164 10.68 -14.92 -9.77
N TYR C 165 10.80 -15.69 -8.68
CA TYR C 165 11.89 -16.63 -8.50
C TYR C 165 11.46 -18.00 -9.03
N HIS C 166 12.28 -18.61 -9.88
CA HIS C 166 11.90 -19.92 -10.41
C HIS C 166 12.35 -21.02 -9.45
N PRO C 167 11.41 -21.66 -8.74
CA PRO C 167 11.78 -22.53 -7.61
C PRO C 167 12.18 -23.95 -7.99
N ARG C 168 12.39 -24.23 -9.26
CA ARG C 168 12.85 -25.54 -9.72
C ARG C 168 13.67 -25.30 -10.97
N PRO C 169 14.50 -26.25 -11.38
CA PRO C 169 15.33 -26.01 -12.57
C PRO C 169 14.52 -26.12 -13.86
N TRP C 170 15.00 -25.39 -14.86
CA TRP C 170 14.49 -25.55 -16.22
C TRP C 170 15.21 -26.75 -16.83
N THR C 171 14.51 -27.87 -17.01
CA THR C 171 15.13 -29.07 -17.56
C THR C 171 14.91 -29.23 -19.06
N GLY C 172 13.92 -28.56 -19.64
CA GLY C 172 13.76 -28.57 -21.08
C GLY C 172 14.84 -27.75 -21.77
N HIS C 173 14.82 -27.81 -23.09
CA HIS C 173 15.82 -27.16 -23.92
C HIS C 173 15.21 -25.96 -24.65
N ALA C 174 15.83 -24.80 -24.51
CA ALA C 174 15.43 -23.62 -25.25
C ALA C 174 16.66 -22.74 -25.45
N SER C 175 16.78 -22.15 -26.63
CA SER C 175 17.96 -21.38 -27.01
C SER C 175 17.78 -19.91 -26.67
N ALA C 176 18.91 -19.21 -26.57
CA ALA C 176 18.85 -17.77 -26.31
C ALA C 176 18.13 -17.05 -27.44
N ARG C 177 18.38 -17.47 -28.68
CA ARG C 177 17.67 -16.91 -29.81
C ARG C 177 16.16 -17.01 -29.63
N SER C 178 15.67 -18.13 -29.10
CA SER C 178 14.24 -18.28 -28.86
C SER C 178 13.74 -17.41 -27.70
N GLY C 179 14.63 -16.73 -26.99
CA GLY C 179 14.29 -15.96 -25.82
C GLY C 179 14.33 -16.75 -24.53
N GLY C 180 14.39 -18.08 -24.61
CA GLY C 180 14.66 -18.91 -23.46
C GLY C 180 13.70 -18.70 -22.31
N ILE C 181 14.26 -18.47 -21.13
CA ILE C 181 13.42 -18.35 -19.94
C ILE C 181 12.61 -17.06 -19.96
N LEU C 182 13.06 -16.04 -20.69
CA LEU C 182 12.29 -14.80 -20.74
C LEU C 182 10.96 -15.00 -21.47
N THR C 183 10.96 -15.85 -22.50
CA THR C 183 9.73 -16.16 -23.23
C THR C 183 8.64 -16.65 -22.29
N ASP C 184 8.99 -17.58 -21.38
CA ASP C 184 8.00 -18.10 -20.43
C ASP C 184 7.33 -16.97 -19.65
N GLN C 185 8.11 -16.03 -19.14
CA GLN C 185 7.57 -14.97 -18.30
C GLN C 185 6.82 -13.91 -19.12
N LEU C 186 7.27 -13.68 -20.35
CA LEU C 186 6.69 -12.63 -21.17
C LEU C 186 5.25 -12.94 -21.56
N LEU C 187 4.90 -14.21 -21.66
CA LEU C 187 3.54 -14.62 -22.03
C LEU C 187 2.49 -13.88 -21.20
N HIS C 188 2.70 -13.79 -19.87
CA HIS C 188 1.71 -13.16 -19.01
C HIS C 188 1.47 -11.71 -19.42
N GLY C 189 2.56 -10.93 -19.53
CA GLY C 189 2.46 -9.49 -19.74
C GLY C 189 2.06 -9.15 -21.15
N ALA C 190 2.60 -9.90 -22.12
CA ALA C 190 2.21 -9.73 -23.51
C ALA C 190 0.72 -10.02 -23.69
N ASP C 191 0.25 -11.11 -23.11
CA ASP C 191 -1.18 -11.42 -23.21
C ASP C 191 -2.03 -10.34 -22.55
N LEU C 192 -1.62 -9.88 -21.37
CA LEU C 192 -2.40 -8.86 -20.68
C LEU C 192 -2.47 -7.57 -21.47
N ALA C 193 -1.32 -7.12 -22.02
CA ALA C 193 -1.30 -5.92 -22.86
C ALA C 193 -2.22 -6.05 -24.06
N HIS C 194 -2.18 -7.20 -24.74
CA HIS C 194 -3.03 -7.42 -25.91
C HIS C 194 -4.49 -7.44 -25.52
N TRP C 195 -4.80 -8.07 -24.38
CA TRP C 195 -6.16 -8.12 -23.87
C TRP C 195 -6.71 -6.73 -23.60
N VAL C 196 -5.91 -5.83 -23.02
CA VAL C 196 -6.48 -4.56 -22.60
C VAL C 196 -6.41 -3.51 -23.72
N PHE C 197 -5.39 -3.54 -24.56
CA PHE C 197 -5.18 -2.49 -25.55
C PHE C 197 -5.45 -2.89 -26.98
N GLY C 198 -5.57 -4.17 -27.29
CA GLY C 198 -5.83 -4.62 -28.67
C GLY C 198 -4.60 -5.16 -29.36
N ASP C 199 -4.78 -5.46 -30.64
CA ASP C 199 -3.74 -6.07 -31.46
C ASP C 199 -2.43 -5.31 -31.37
N VAL C 200 -1.33 -6.06 -31.31
CA VAL C 200 0.01 -5.51 -31.27
C VAL C 200 0.53 -5.47 -32.70
N VAL C 201 0.99 -4.29 -33.15
CA VAL C 201 1.52 -4.13 -34.50
C VAL C 201 3.03 -3.91 -34.55
N ARG C 202 3.68 -3.68 -33.41
CA ARG C 202 5.12 -3.48 -33.42
C ARG C 202 5.68 -3.82 -32.05
N VAL C 203 6.82 -4.51 -32.05
CA VAL C 203 7.44 -5.06 -30.85
C VAL C 203 8.91 -4.68 -30.84
N HIS C 204 9.39 -4.14 -29.73
CA HIS C 204 10.83 -3.99 -29.52
C HIS C 204 11.15 -4.53 -28.15
N ALA C 205 12.27 -5.26 -28.03
CA ALA C 205 12.65 -5.86 -26.75
C ALA C 205 14.16 -5.90 -26.58
N CYS C 206 14.61 -5.72 -25.34
CA CYS C 206 15.99 -5.97 -24.94
C CYS C 206 16.00 -7.06 -23.87
N TYR C 207 16.77 -8.11 -24.10
CA TYR C 207 16.85 -9.25 -23.20
C TYR C 207 18.23 -9.24 -22.54
N GLN C 208 18.25 -9.42 -21.22
CA GLN C 208 19.50 -9.39 -20.46
C GLN C 208 19.62 -10.63 -19.59
N GLY C 209 20.80 -11.25 -19.61
CA GLY C 209 21.06 -12.42 -18.80
C GLY C 209 21.32 -13.65 -19.66
N ASP C 210 21.75 -14.72 -18.99
CA ASP C 210 21.95 -16.01 -19.65
C ASP C 210 20.58 -16.71 -19.65
N ILE C 211 19.95 -16.81 -20.81
CA ILE C 211 18.53 -17.16 -20.87
C ILE C 211 18.27 -18.51 -21.49
N ALA C 212 19.28 -19.19 -22.04
CA ALA C 212 19.08 -20.52 -22.59
C ALA C 212 18.85 -21.54 -21.46
N THR C 213 18.18 -22.63 -21.83
CA THR C 213 17.89 -23.76 -20.95
C THR C 213 18.40 -25.05 -21.57
N PRO C 214 18.70 -26.08 -20.75
CA PRO C 214 18.60 -26.23 -19.29
C PRO C 214 19.25 -25.12 -18.47
N ALA C 215 18.61 -24.74 -17.36
CA ALA C 215 19.11 -23.69 -16.51
C ALA C 215 18.71 -23.99 -15.08
N PRO C 216 19.51 -23.58 -14.13
CA PRO C 216 19.16 -23.88 -12.76
C PRO C 216 18.01 -23.06 -12.22
N GLU C 217 17.58 -23.49 -11.07
CA GLU C 217 16.61 -22.81 -10.25
C GLU C 217 17.34 -21.54 -9.79
N GLY C 218 16.65 -20.46 -9.78
CA GLY C 218 17.20 -19.16 -9.45
C GLY C 218 17.95 -18.41 -10.54
N ALA C 219 17.87 -18.84 -11.80
CA ALA C 219 18.53 -18.08 -12.87
C ALA C 219 17.92 -16.69 -12.98
N VAL C 220 18.76 -15.71 -13.31
CA VAL C 220 18.40 -14.30 -13.32
C VAL C 220 18.40 -13.78 -14.76
N ALA C 221 17.31 -13.12 -15.15
CA ALA C 221 17.22 -12.48 -16.46
C ALA C 221 16.18 -11.39 -16.40
N THR C 222 16.35 -10.38 -17.27
CA THR C 222 15.44 -9.24 -17.31
C THR C 222 15.15 -8.91 -18.77
N GLY C 223 13.86 -8.93 -19.13
CA GLY C 223 13.46 -8.61 -20.48
C GLY C 223 12.54 -7.40 -20.50
N THR C 224 12.89 -6.40 -21.30
CA THR C 224 12.12 -5.15 -21.38
C THR C 224 11.58 -5.02 -22.81
N ALA C 225 10.25 -5.05 -22.96
CA ALA C 225 9.65 -4.95 -24.28
C ALA C 225 8.72 -3.75 -24.37
N VAL C 226 8.69 -3.13 -25.54
CA VAL C 226 7.77 -2.04 -25.84
C VAL C 226 6.85 -2.48 -26.98
N LEU C 227 5.55 -2.53 -26.72
CA LEU C 227 4.57 -2.97 -27.69
C LEU C 227 3.78 -1.75 -28.14
N THR C 228 3.63 -1.59 -29.46
CA THR C 228 2.76 -0.58 -30.00
C THR C 228 1.49 -1.25 -30.50
N HIS C 229 0.34 -0.72 -30.11
CA HIS C 229 -0.93 -1.35 -30.43
C HIS C 229 -1.57 -0.66 -31.64
N ALA C 230 -2.46 -1.40 -32.32
CA ALA C 230 -3.11 -0.87 -33.51
C ALA C 230 -3.80 0.47 -33.23
N SER C 231 -4.30 0.68 -32.01
CA SER C 231 -4.96 1.94 -31.64
C SER C 231 -3.98 3.09 -31.46
N GLY C 232 -2.68 2.83 -31.41
CA GLY C 232 -1.70 3.80 -31.00
C GLY C 232 -1.31 3.73 -29.54
N ALA C 233 -2.07 3.01 -28.70
CA ALA C 233 -1.66 2.79 -27.32
C ALA C 233 -0.29 2.13 -27.28
N ILE C 234 0.44 2.35 -26.20
CA ILE C 234 1.78 1.76 -26.04
C ILE C 234 1.87 1.07 -24.70
N SER C 235 2.44 -0.13 -24.69
CA SER C 235 2.67 -0.78 -23.39
C SER C 235 4.14 -1.15 -23.22
N GLN C 236 4.61 -0.97 -22.00
CA GLN C 236 5.93 -1.44 -21.59
C GLN C 236 5.75 -2.70 -20.76
N VAL C 237 6.35 -3.79 -21.20
CA VAL C 237 6.21 -5.07 -20.51
C VAL C 237 7.59 -5.53 -20.04
N VAL C 238 7.71 -5.74 -18.75
CA VAL C 238 8.96 -6.15 -18.13
C VAL C 238 8.76 -7.55 -17.57
N SER C 239 9.68 -8.44 -17.91
CA SER C 239 9.63 -9.83 -17.47
C SER C 239 10.95 -10.12 -16.75
N ARG C 240 10.86 -10.62 -15.51
CA ARG C 240 12.05 -10.83 -14.72
C ARG C 240 12.03 -12.21 -14.08
N TRP C 241 13.20 -12.85 -14.05
CA TRP C 241 13.47 -13.95 -13.14
C TRP C 241 14.50 -13.49 -12.12
N THR C 242 14.22 -13.76 -10.82
CA THR C 242 15.01 -13.20 -9.72
C THR C 242 15.87 -14.27 -9.05
N ALA C 243 16.88 -13.78 -8.32
CA ALA C 243 17.87 -14.65 -7.68
C ALA C 243 17.34 -15.33 -6.42
N THR C 244 16.38 -14.72 -5.74
CA THR C 244 15.87 -15.22 -4.47
C THR C 244 14.36 -15.08 -4.44
N PRO C 245 13.67 -15.91 -3.64
CA PRO C 245 12.21 -15.77 -3.44
C PRO C 245 11.84 -14.66 -2.45
N ARG C 246 12.36 -13.45 -2.65
CA ARG C 246 12.17 -12.33 -1.73
C ARG C 246 11.60 -11.14 -2.49
N PRO C 247 10.33 -11.21 -2.93
CA PRO C 247 9.33 -12.24 -2.71
C PRO C 247 9.34 -13.32 -3.80
N PRO C 248 8.59 -14.41 -3.60
CA PRO C 248 8.53 -15.44 -4.66
C PRO C 248 7.98 -14.93 -6.00
N VAL C 249 7.02 -14.01 -5.98
CA VAL C 249 6.39 -13.46 -7.18
C VAL C 249 5.97 -12.02 -6.88
N ARG C 250 6.16 -11.12 -7.85
CA ARG C 250 5.58 -9.78 -7.76
C ARG C 250 5.04 -9.39 -9.13
N VAL C 251 3.81 -8.92 -9.18
CA VAL C 251 3.20 -8.39 -10.40
C VAL C 251 2.74 -6.96 -10.13
N ALA C 252 3.04 -6.05 -11.06
CA ALA C 252 2.59 -4.68 -10.92
C ALA C 252 2.18 -4.14 -12.28
N PHE C 253 1.15 -3.28 -12.29
CA PHE C 253 0.81 -2.61 -13.53
C PHE C 253 0.21 -1.23 -13.23
N HIS C 254 0.23 -0.39 -14.27
CA HIS C 254 -0.33 0.96 -14.26
C HIS C 254 -0.81 1.26 -15.67
N VAL C 255 -2.11 1.49 -15.83
CA VAL C 255 -2.71 1.69 -17.14
C VAL C 255 -3.44 3.02 -17.11
N SER C 256 -3.25 3.82 -18.17
CA SER C 256 -3.83 5.16 -18.26
C SER C 256 -4.58 5.30 -19.56
N GLY C 257 -5.79 5.87 -19.49
CA GLY C 257 -6.54 6.22 -20.66
C GLY C 257 -7.18 7.58 -20.48
N THR C 258 -7.99 8.00 -21.47
CA THR C 258 -8.60 9.32 -21.39
C THR C 258 -9.54 9.44 -20.19
N GLY C 259 -10.04 8.33 -19.66
CA GLY C 259 -10.89 8.37 -18.49
C GLY C 259 -10.20 8.21 -17.15
N GLY C 260 -8.88 7.98 -17.10
CA GLY C 260 -8.18 7.91 -15.85
C GLY C 260 -7.13 6.82 -15.85
N SER C 261 -6.67 6.45 -14.65
CA SER C 261 -5.63 5.44 -14.49
C SER C 261 -6.09 4.35 -13.54
N VAL C 262 -5.55 3.15 -13.74
CA VAL C 262 -5.80 1.98 -12.91
C VAL C 262 -4.44 1.38 -12.56
N SER C 263 -4.23 1.06 -11.27
CA SER C 263 -2.95 0.54 -10.80
C SER C 263 -3.13 -0.71 -9.97
N TYR C 264 -2.05 -1.51 -9.90
CA TYR C 264 -2.03 -2.72 -9.10
C TYR C 264 -0.62 -3.06 -8.64
N ASP C 265 -0.49 -3.51 -7.40
CA ASP C 265 0.76 -4.07 -6.89
C ASP C 265 0.40 -5.30 -6.07
N SER C 266 0.90 -6.47 -6.49
CA SER C 266 0.60 -7.70 -5.76
C SER C 266 1.15 -7.68 -4.34
N GLU C 267 2.04 -6.73 -4.01
CA GLU C 267 2.57 -6.59 -2.65
C GLU C 267 1.59 -5.87 -1.72
N TRP C 268 0.61 -5.16 -2.26
CA TRP C 268 -0.39 -4.55 -1.41
C TRP C 268 -1.07 -5.62 -0.57
N PRO C 269 -1.37 -5.36 0.71
CA PRO C 269 -2.16 -6.32 1.50
C PRO C 269 -3.56 -6.48 0.91
N GLN C 270 -4.06 -7.70 0.97
CA GLN C 270 -5.43 -8.01 0.55
C GLN C 270 -6.24 -8.42 1.77
N GLU C 271 -6.96 -9.55 1.75
CA GLU C 271 -7.85 -9.93 2.85
C GLU C 271 -7.11 -10.31 4.12
N VAL C 272 -5.93 -10.94 4.01
CA VAL C 272 -5.18 -11.44 5.15
C VAL C 272 -3.81 -10.75 5.21
N ARG C 273 -3.51 -10.11 6.34
CA ARG C 273 -2.25 -9.37 6.44
C ARG C 273 -1.68 -9.54 7.85
N VAL C 274 -0.51 -10.16 7.94
CA VAL C 274 0.23 -10.18 9.20
C VAL C 274 0.85 -8.80 9.36
N VAL C 275 0.38 -8.04 10.36
CA VAL C 275 0.80 -6.65 10.50
C VAL C 275 2.13 -6.55 11.26
N ASP C 276 2.30 -7.34 12.32
CA ASP C 276 3.55 -7.41 13.06
C ASP C 276 3.71 -8.79 13.66
N GLY C 277 4.95 -9.13 14.01
CA GLY C 277 5.21 -10.31 14.80
C GLY C 277 5.74 -11.50 14.02
N GLY C 278 5.67 -11.47 12.70
CA GLY C 278 6.41 -12.42 11.88
C GLY C 278 5.76 -13.76 11.64
N ALA C 279 4.46 -13.90 11.89
CA ALA C 279 3.81 -15.20 11.75
C ALA C 279 3.88 -15.69 10.30
N GLY C 280 4.03 -17.00 10.14
CA GLY C 280 4.16 -17.57 8.81
C GLY C 280 3.01 -18.48 8.42
N ASN C 281 2.07 -18.70 9.33
CA ASN C 281 0.98 -19.64 9.07
C ASN C 281 -0.33 -18.93 8.72
N PHE C 282 -0.26 -17.84 7.94
CA PHE C 282 -1.43 -17.09 7.52
C PHE C 282 -1.46 -16.92 6.01
N ALA C 283 -0.87 -17.85 5.29
CA ALA C 283 -0.85 -17.78 3.83
C ALA C 283 -2.27 -17.83 3.28
N TYR C 284 -2.58 -16.89 2.40
CA TYR C 284 -3.85 -16.89 1.67
C TYR C 284 -3.61 -16.25 0.32
N GLY C 285 -3.77 -17.03 -0.75
CA GLY C 285 -3.53 -16.55 -2.11
C GLY C 285 -4.77 -16.15 -2.89
N GLY C 286 -5.96 -16.32 -2.31
CA GLY C 286 -7.17 -16.05 -3.04
C GLY C 286 -7.72 -17.33 -3.62
N PRO C 287 -8.81 -17.22 -4.38
CA PRO C 287 -9.36 -18.42 -5.02
C PRO C 287 -8.36 -18.99 -6.02
N SER C 288 -8.43 -20.29 -6.23
CA SER C 288 -7.56 -20.92 -7.21
C SER C 288 -7.89 -20.41 -8.61
N VAL C 289 -6.88 -19.86 -9.28
CA VAL C 289 -7.09 -19.42 -10.67
C VAL C 289 -7.50 -20.60 -11.54
N PHE C 290 -7.00 -21.80 -11.23
CA PHE C 290 -7.33 -22.98 -12.04
C PHE C 290 -8.79 -23.39 -11.89
N ASP C 291 -9.37 -23.24 -10.70
CA ASP C 291 -10.81 -23.52 -10.58
C ASP C 291 -11.61 -22.58 -11.46
N THR C 292 -11.29 -21.29 -11.40
CA THR C 292 -11.97 -20.31 -12.24
C THR C 292 -11.78 -20.63 -13.72
N GLU C 293 -10.56 -20.99 -14.12
CA GLU C 293 -10.25 -21.22 -15.52
C GLU C 293 -10.99 -22.44 -16.06
N MET C 294 -10.81 -23.60 -15.42
CA MET C 294 -11.43 -24.82 -15.92
C MET C 294 -12.96 -24.80 -15.86
N ARG C 295 -13.54 -24.11 -14.86
CA ARG C 295 -15.00 -24.01 -14.83
C ARG C 295 -15.50 -23.20 -16.01
N GLU C 296 -14.81 -22.11 -16.34
CA GLU C 296 -15.20 -21.35 -17.52
C GLU C 296 -14.99 -22.17 -18.79
N PHE C 297 -13.89 -22.92 -18.89
CA PHE C 297 -13.72 -23.74 -20.10
C PHE C 297 -14.75 -24.87 -20.14
N ALA C 298 -14.98 -25.53 -19.00
CA ALA C 298 -16.03 -26.54 -18.91
C ALA C 298 -17.36 -26.04 -19.47
N THR C 299 -17.78 -24.85 -19.01
CA THR C 299 -19.05 -24.30 -19.47
C THR C 299 -19.06 -24.12 -20.99
N ALA C 300 -17.94 -23.70 -21.56
CA ALA C 300 -17.89 -23.51 -23.01
C ALA C 300 -18.01 -24.83 -23.74
N PHE C 301 -17.15 -25.81 -23.39
CA PHE C 301 -17.17 -27.11 -24.08
C PHE C 301 -18.50 -27.82 -23.89
N ALA C 302 -19.26 -27.47 -22.87
CA ALA C 302 -20.59 -28.04 -22.63
C ALA C 302 -21.68 -27.33 -23.41
N GLY C 303 -21.32 -26.49 -24.38
CA GLY C 303 -22.30 -25.74 -25.14
C GLY C 303 -22.68 -24.40 -24.57
N GLY C 304 -21.94 -23.88 -23.60
CA GLY C 304 -22.26 -22.59 -23.03
C GLY C 304 -21.58 -21.45 -23.76
N PRO C 305 -21.60 -20.27 -23.14
CA PRO C 305 -20.93 -19.11 -23.74
C PRO C 305 -19.42 -19.28 -23.83
N GLU C 306 -18.83 -18.59 -24.79
CA GLU C 306 -17.39 -18.66 -25.01
C GLU C 306 -16.64 -18.07 -23.81
N PRO C 307 -15.45 -18.59 -23.52
CA PRO C 307 -14.69 -18.08 -22.38
C PRO C 307 -14.01 -16.77 -22.76
N ARG C 308 -13.36 -16.17 -21.76
CA ARG C 308 -12.70 -14.86 -21.92
C ARG C 308 -11.43 -14.90 -22.78
N ILE C 309 -11.08 -16.03 -23.40
CA ILE C 309 -9.92 -16.10 -24.26
C ILE C 309 -10.19 -17.03 -25.43
N GLY C 310 -9.96 -16.54 -26.65
CA GLY C 310 -10.23 -17.30 -27.85
C GLY C 310 -8.99 -17.77 -28.59
N ALA C 311 -9.25 -18.42 -29.73
CA ALA C 311 -8.17 -18.95 -30.55
C ALA C 311 -7.25 -17.83 -31.03
N LYS C 312 -7.82 -16.71 -31.49
CA LYS C 312 -6.97 -15.65 -32.01
C LYS C 312 -6.09 -15.02 -30.93
N ASP C 313 -6.53 -15.04 -29.67
CA ASP C 313 -5.69 -14.60 -28.55
C ASP C 313 -4.51 -15.55 -28.33
N ALA C 314 -4.75 -16.85 -28.45
CA ALA C 314 -3.67 -17.81 -28.28
C ALA C 314 -2.61 -17.62 -29.35
N LEU C 315 -3.04 -17.37 -30.59
CA LEU C 315 -2.12 -17.11 -31.68
C LEU C 315 -1.39 -15.78 -31.51
N ALA C 316 -2.11 -14.73 -31.12
CA ALA C 316 -1.48 -13.45 -30.80
C ALA C 316 -0.31 -13.64 -29.86
N ALA C 317 -0.52 -14.38 -28.77
CA ALA C 317 0.55 -14.50 -27.78
C ALA C 317 1.80 -15.12 -28.39
N VAL C 318 1.63 -16.15 -29.23
CA VAL C 318 2.79 -16.78 -29.86
C VAL C 318 3.49 -15.78 -30.77
N ARG C 319 2.72 -15.05 -31.57
CA ARG C 319 3.29 -14.06 -32.48
C ARG C 319 4.11 -13.01 -31.71
N ILE C 320 3.58 -12.53 -30.58
CA ILE C 320 4.23 -11.44 -29.86
C ILE C 320 5.51 -11.92 -29.21
N ILE C 321 5.51 -13.12 -28.65
CA ILE C 321 6.73 -13.53 -27.96
C ILE C 321 7.81 -13.91 -28.96
N HIS C 322 7.44 -14.38 -30.16
CA HIS C 322 8.46 -14.63 -31.17
C HIS C 322 8.97 -13.33 -31.78
N ALA C 323 8.10 -12.34 -31.97
CA ALA C 323 8.58 -11.02 -32.38
C ALA C 323 9.54 -10.42 -31.36
N ALA C 324 9.19 -10.51 -30.06
CA ALA C 324 10.08 -10.02 -29.00
C ALA C 324 11.44 -10.71 -29.04
N ALA C 325 11.45 -12.04 -29.12
CA ALA C 325 12.73 -12.74 -29.13
C ALA C 325 13.56 -12.35 -30.34
N GLU C 326 12.91 -12.15 -31.49
CA GLU C 326 13.61 -11.72 -32.69
C GLU C 326 14.18 -10.32 -32.50
N SER C 327 13.36 -9.40 -31.97
CA SER C 327 13.83 -8.05 -31.66
C SER C 327 15.01 -8.08 -30.71
N ALA C 328 14.94 -8.91 -29.66
CA ALA C 328 16.02 -8.98 -28.70
C ALA C 328 17.32 -9.45 -29.35
N TRP C 329 17.21 -10.28 -30.38
CA TRP C 329 18.37 -10.91 -31.02
C TRP C 329 19.00 -10.01 -32.08
N THR C 330 18.18 -9.37 -32.89
CA THR C 330 18.66 -8.55 -34.01
C THR C 330 18.91 -7.10 -33.63
N GLY C 331 18.32 -6.62 -32.54
CA GLY C 331 18.39 -5.21 -32.24
C GLY C 331 17.49 -4.32 -33.06
N ARG C 332 16.56 -4.90 -33.82
CA ARG C 332 15.58 -4.17 -34.60
C ARG C 332 14.21 -4.34 -33.96
N ALA C 333 13.31 -3.39 -34.25
CA ALA C 333 11.90 -3.59 -33.91
C ALA C 333 11.27 -4.49 -34.95
N VAL C 334 10.25 -5.25 -34.55
CA VAL C 334 9.62 -6.26 -35.39
C VAL C 334 8.16 -5.87 -35.57
N GLU C 335 7.74 -5.71 -36.82
CA GLU C 335 6.33 -5.39 -37.07
C GLU C 335 5.51 -6.65 -37.23
N LEU C 336 4.25 -6.56 -36.79
CA LEU C 336 3.30 -7.65 -36.88
C LEU C 336 2.10 -7.19 -37.70
N PRO C 337 1.93 -7.68 -38.93
CA PRO C 337 0.76 -7.26 -39.74
C PRO C 337 -0.53 -7.83 -39.16
N VAL C 338 -1.57 -7.00 -39.14
CA VAL C 338 -2.87 -7.44 -38.62
C VAL C 338 -3.54 -8.45 -39.55
N VAL D 2 24.32 37.80 -5.94
CA VAL D 2 24.42 36.98 -7.14
C VAL D 2 23.26 37.26 -8.09
N LYS D 3 23.60 37.44 -9.37
CA LYS D 3 22.60 37.65 -10.40
C LYS D 3 22.22 36.33 -11.05
N VAL D 4 20.94 36.18 -11.34
CA VAL D 4 20.33 34.89 -11.66
C VAL D 4 19.37 35.07 -12.83
N ALA D 5 19.34 34.06 -13.71
CA ALA D 5 18.39 33.99 -14.81
C ALA D 5 17.81 32.58 -14.86
N ILE D 6 16.61 32.46 -15.43
CA ILE D 6 15.86 31.20 -15.44
C ILE D 6 15.39 30.89 -16.85
N LEU D 7 15.52 29.63 -17.24
CA LEU D 7 14.98 29.12 -18.50
C LEU D 7 14.10 27.93 -18.16
N SER D 8 12.79 28.07 -18.38
CA SER D 8 11.86 27.00 -18.06
C SER D 8 10.55 27.28 -18.77
N SER D 9 9.70 26.25 -18.85
CA SER D 9 8.35 26.44 -19.35
C SER D 9 7.51 27.27 -18.38
N THR D 10 7.85 27.22 -17.08
CA THR D 10 7.14 27.95 -16.03
C THR D 10 8.06 28.98 -15.40
N PRO D 11 8.55 29.96 -16.16
CA PRO D 11 9.64 30.82 -15.64
C PRO D 11 9.25 31.61 -14.40
N GLN D 12 8.01 32.13 -14.34
CA GLN D 12 7.54 32.83 -13.16
C GLN D 12 7.58 31.97 -11.90
N ALA D 13 7.55 30.64 -12.05
CA ALA D 13 7.60 29.77 -10.88
C ALA D 13 8.94 29.89 -10.16
N TYR D 14 10.04 29.66 -10.88
CA TYR D 14 11.34 29.69 -10.24
C TYR D 14 11.78 31.11 -9.92
N ALA D 15 11.38 32.09 -10.72
CA ALA D 15 11.76 33.47 -10.43
C ALA D 15 11.19 33.93 -9.09
N GLY D 16 9.98 33.47 -8.75
CA GLY D 16 9.39 33.84 -7.48
C GLY D 16 10.12 33.26 -6.29
N ALA D 17 10.58 32.04 -6.39
CA ALA D 17 11.27 31.45 -5.27
C ALA D 17 12.64 32.01 -5.13
N LEU D 18 13.24 32.40 -6.23
CA LEU D 18 14.56 32.97 -6.16
C LEU D 18 14.61 34.36 -5.59
N ARG D 19 13.58 35.16 -5.80
CA ARG D 19 13.48 36.52 -5.24
C ARG D 19 13.18 36.47 -3.75
N GLY D 20 12.55 35.41 -3.33
CA GLY D 20 12.19 35.19 -1.96
C GLY D 20 13.37 34.89 -1.08
N LEU D 21 14.54 34.74 -1.68
CA LEU D 21 15.75 34.58 -0.89
C LEU D 21 16.57 35.86 -0.95
N PRO D 22 17.36 36.18 0.07
CA PRO D 22 18.09 37.45 0.08
C PRO D 22 19.38 37.34 -0.71
N ASP D 23 19.94 38.50 -1.03
CA ASP D 23 21.24 38.65 -1.67
C ASP D 23 21.24 38.17 -3.14
N VAL D 24 20.08 37.81 -3.68
CA VAL D 24 19.95 37.31 -5.03
C VAL D 24 18.97 38.20 -5.81
N GLU D 25 19.26 38.43 -7.09
CA GLU D 25 18.44 39.27 -7.95
C GLU D 25 18.20 38.56 -9.27
N VAL D 26 16.95 38.49 -9.68
CA VAL D 26 16.58 37.81 -10.92
C VAL D 26 16.61 38.83 -12.06
N VAL D 27 17.62 38.71 -12.92
CA VAL D 27 17.79 39.67 -13.99
C VAL D 27 17.05 39.27 -15.26
N ALA D 28 16.68 38.01 -15.41
CA ALA D 28 15.98 37.57 -16.61
C ALA D 28 15.29 36.24 -16.31
N ALA D 29 14.10 36.08 -16.86
CA ALA D 29 13.38 34.82 -16.74
C ALA D 29 12.58 34.66 -18.03
N ALA D 30 12.72 33.52 -18.68
CA ALA D 30 12.06 33.33 -19.97
C ALA D 30 11.90 31.84 -20.22
N SER D 31 11.15 31.55 -21.28
CA SER D 31 11.00 30.21 -21.80
C SER D 31 11.95 30.02 -22.97
N TRP D 32 12.26 28.75 -23.27
CA TRP D 32 13.17 28.45 -24.37
C TRP D 32 12.64 28.96 -25.71
N ASP D 33 11.34 29.30 -25.77
CA ASP D 33 10.76 29.90 -26.96
C ASP D 33 11.38 31.26 -27.26
N ALA D 34 11.60 32.07 -26.22
CA ALA D 34 12.17 33.41 -26.36
C ALA D 34 13.31 33.55 -25.34
N PHE D 35 14.44 32.91 -25.63
CA PHE D 35 15.51 32.77 -24.63
C PHE D 35 16.50 33.93 -24.61
N GLU D 36 16.51 34.78 -25.63
CA GLU D 36 17.57 35.77 -25.79
C GLU D 36 17.79 36.72 -24.61
N PRO D 37 16.77 37.25 -23.92
CA PRO D 37 17.07 38.04 -22.71
C PRO D 37 17.90 37.27 -21.69
N VAL D 38 17.68 35.96 -21.58
CA VAL D 38 18.45 35.12 -20.68
C VAL D 38 19.87 34.90 -21.21
N ARG D 39 20.00 34.76 -22.54
CA ARG D 39 21.31 34.58 -23.15
C ARG D 39 22.17 35.82 -22.95
N GLN D 40 21.59 37.02 -23.12
CA GLN D 40 22.36 38.23 -22.86
C GLN D 40 22.67 38.38 -21.39
N ALA D 41 21.81 37.88 -20.50
CA ALA D 41 22.13 37.94 -19.08
C ALA D 41 23.29 37.00 -18.76
N ALA D 42 23.32 35.83 -19.41
CA ALA D 42 24.43 34.89 -19.23
C ALA D 42 25.75 35.52 -19.68
N GLU D 43 25.76 36.13 -20.87
CA GLU D 43 26.96 36.85 -21.33
C GLU D 43 27.40 37.90 -20.33
N ALA D 44 26.45 38.58 -19.70
CA ALA D 44 26.74 39.60 -18.71
C ALA D 44 27.11 39.04 -17.35
N GLY D 45 27.14 37.72 -17.18
CA GLY D 45 27.70 37.09 -15.99
C GLY D 45 26.72 36.37 -15.08
N ALA D 46 25.44 36.30 -15.42
CA ALA D 46 24.44 35.72 -14.52
C ALA D 46 24.57 34.20 -14.47
N ARG D 47 24.34 33.63 -13.28
CA ARG D 47 24.06 32.21 -13.13
C ARG D 47 22.71 31.88 -13.77
N VAL D 48 22.66 30.80 -14.56
CA VAL D 48 21.47 30.42 -15.31
C VAL D 48 21.02 29.04 -14.88
N LEU D 49 19.79 28.95 -14.39
CA LEU D 49 19.16 27.68 -14.07
C LEU D 49 18.18 27.38 -15.21
N CYS D 50 18.37 26.26 -15.89
CA CYS D 50 17.58 25.98 -17.06
C CYS D 50 16.99 24.57 -16.98
N GLU D 51 15.74 24.46 -17.40
CA GLU D 51 15.21 23.15 -17.74
C GLU D 51 15.79 22.71 -19.08
N TYR D 52 15.64 21.42 -19.38
CA TYR D 52 16.11 20.90 -20.66
C TYR D 52 15.43 21.65 -21.80
N PRO D 53 16.17 21.99 -22.86
CA PRO D 53 15.56 22.67 -24.00
C PRO D 53 14.78 21.69 -24.86
N PRO D 54 13.89 22.19 -25.73
CA PRO D 54 13.22 21.29 -26.69
C PRO D 54 14.23 20.66 -27.63
N ALA D 55 13.89 19.45 -28.10
CA ALA D 55 14.79 18.70 -28.98
C ALA D 55 15.12 19.46 -30.26
N ALA D 56 14.26 20.39 -30.67
CA ALA D 56 14.48 21.14 -31.90
C ALA D 56 15.48 22.29 -31.74
N LYS D 57 15.82 22.70 -30.50
CA LYS D 57 16.62 23.88 -30.32
C LYS D 57 18.02 23.62 -29.77
N GLU D 58 18.76 22.71 -30.43
CA GLU D 58 20.13 22.45 -30.01
C GLU D 58 21.05 23.64 -30.27
N THR D 59 20.76 24.47 -31.28
CA THR D 59 21.63 25.62 -31.49
C THR D 59 21.39 26.67 -30.40
N ASP D 60 20.16 26.80 -29.93
CA ASP D 60 19.89 27.65 -28.77
C ASP D 60 20.60 27.11 -27.52
N LEU D 61 20.61 25.79 -27.35
CA LEU D 61 21.35 25.16 -26.26
C LEU D 61 22.85 25.49 -26.32
N LYS D 62 23.43 25.44 -27.53
CA LYS D 62 24.85 25.72 -27.67
C LYS D 62 25.13 27.20 -27.42
N ALA D 63 24.23 28.07 -27.87
CA ALA D 63 24.35 29.49 -27.57
C ALA D 63 24.36 29.73 -26.05
N MET D 64 23.52 28.99 -25.30
CA MET D 64 23.54 29.15 -23.85
C MET D 64 24.83 28.60 -23.24
N ILE D 65 25.33 27.47 -23.73
CA ILE D 65 26.61 26.95 -23.26
C ILE D 65 27.73 27.95 -23.57
N ASP D 66 27.73 28.51 -24.79
CA ASP D 66 28.74 29.48 -25.16
C ASP D 66 28.67 30.74 -24.29
N ALA D 67 27.46 31.13 -23.88
CA ALA D 67 27.26 32.38 -23.14
C ALA D 67 27.64 32.27 -21.67
N ALA D 68 27.40 31.11 -21.05
CA ALA D 68 27.53 30.95 -19.61
C ALA D 68 28.65 30.03 -19.16
N GLY D 69 29.14 29.15 -20.03
CA GLY D 69 30.09 28.13 -19.58
C GLY D 69 29.56 27.43 -18.33
N ASP D 70 30.42 27.28 -17.34
CA ASP D 70 30.02 26.59 -16.14
C ASP D 70 29.00 27.38 -15.31
N ARG D 71 28.64 28.60 -15.70
CA ARG D 71 27.57 29.27 -14.98
C ARG D 71 26.18 28.73 -15.36
N LEU D 72 26.09 27.81 -16.31
CA LEU D 72 24.82 27.17 -16.67
C LEU D 72 24.61 25.92 -15.83
N THR D 73 23.44 25.84 -15.16
CA THR D 73 23.06 24.72 -14.32
C THR D 73 21.72 24.16 -14.78
N PHE D 74 21.67 22.87 -15.07
CA PHE D 74 20.45 22.21 -15.50
C PHE D 74 19.59 21.82 -14.29
N ALA D 75 18.31 22.16 -14.34
CA ALA D 75 17.38 21.90 -13.24
C ALA D 75 16.90 20.45 -13.28
N SER D 76 17.25 19.68 -12.24
CA SER D 76 16.80 18.29 -12.12
C SER D 76 16.48 18.03 -10.66
N PRO D 77 15.31 18.50 -10.19
CA PRO D 77 15.04 18.50 -8.74
C PRO D 77 15.29 17.16 -8.05
N ALA D 78 14.78 16.05 -8.61
CA ALA D 78 14.88 14.76 -7.91
C ALA D 78 16.32 14.32 -7.70
N CYS D 79 17.29 14.87 -8.45
CA CYS D 79 18.66 14.46 -8.22
C CYS D 79 19.17 14.93 -6.86
N HIS D 80 18.53 15.94 -6.29
CA HIS D 80 19.00 16.59 -5.06
C HIS D 80 18.42 15.96 -3.80
N GLY D 81 17.64 14.90 -3.92
CA GLY D 81 17.06 14.28 -2.74
C GLY D 81 18.13 13.59 -1.89
N GLU D 82 18.01 13.77 -0.58
CA GLU D 82 18.77 12.91 0.33
C GLU D 82 18.47 11.44 0.06
N ALA D 83 17.20 11.13 -0.27
CA ALA D 83 16.83 9.76 -0.64
C ALA D 83 17.64 9.26 -1.83
N PHE D 84 17.87 10.13 -2.83
CA PHE D 84 18.64 9.67 -3.99
C PHE D 84 20.09 9.39 -3.62
N ALA D 85 20.68 10.19 -2.73
CA ALA D 85 22.04 9.88 -2.27
C ALA D 85 22.08 8.50 -1.59
N VAL D 86 21.04 8.18 -0.81
CA VAL D 86 20.98 6.87 -0.17
C VAL D 86 20.94 5.76 -1.21
N VAL D 87 20.15 5.95 -2.27
CA VAL D 87 20.03 4.90 -3.29
C VAL D 87 21.34 4.72 -4.05
N ARG D 88 21.96 5.83 -4.45
CA ARG D 88 23.21 5.72 -5.20
C ARG D 88 24.27 4.99 -4.40
N LYS D 89 24.36 5.29 -3.09
CA LYS D 89 25.38 4.66 -2.27
C LYS D 89 25.06 3.19 -2.05
N GLY D 90 23.78 2.87 -1.83
CA GLY D 90 23.43 1.48 -1.64
C GLY D 90 23.76 0.64 -2.85
N ILE D 91 23.54 1.19 -4.05
CA ILE D 91 23.82 0.44 -5.27
C ILE D 91 25.33 0.33 -5.49
N ALA D 92 26.06 1.43 -5.35
CA ALA D 92 27.52 1.36 -5.52
C ALA D 92 28.17 0.41 -4.53
N ASP D 93 27.58 0.25 -3.35
CA ASP D 93 28.09 -0.70 -2.37
C ASP D 93 27.69 -2.13 -2.66
N GLY D 94 26.96 -2.39 -3.74
CA GLY D 94 26.56 -3.74 -4.08
C GLY D 94 25.25 -4.21 -3.50
N GLY D 95 24.39 -3.29 -3.04
CA GLY D 95 23.14 -3.70 -2.40
C GLY D 95 22.20 -4.47 -3.31
N ILE D 96 22.27 -4.26 -4.63
CA ILE D 96 21.44 -4.98 -5.59
C ILE D 96 22.26 -5.87 -6.51
N GLY D 97 23.53 -6.09 -6.19
CA GLY D 97 24.40 -6.82 -7.09
C GLY D 97 24.82 -5.97 -8.27
N GLU D 98 25.17 -6.63 -9.36
CA GLU D 98 25.57 -5.92 -10.57
C GLU D 98 24.34 -5.26 -11.20
N LEU D 99 24.43 -3.94 -11.44
CA LEU D 99 23.34 -3.18 -12.02
C LEU D 99 23.12 -3.53 -13.50
N THR D 100 21.89 -3.87 -13.88
CA THR D 100 21.60 -4.18 -15.28
C THR D 100 20.59 -3.27 -15.95
N THR D 101 19.62 -2.74 -15.22
CA THR D 101 18.44 -2.19 -15.87
C THR D 101 17.87 -1.07 -15.02
N VAL D 102 17.47 0.02 -15.68
CA VAL D 102 16.79 1.13 -15.03
C VAL D 102 15.39 1.22 -15.63
N LEU D 103 14.37 1.30 -14.78
CA LEU D 103 13.00 1.54 -15.26
C LEU D 103 12.45 2.80 -14.61
N GLY D 104 11.34 3.29 -15.13
CA GLY D 104 10.71 4.38 -14.41
C GLY D 104 9.65 5.06 -15.21
N SER D 105 8.92 5.92 -14.51
CA SER D 105 7.69 6.51 -14.96
C SER D 105 7.62 7.94 -14.44
N VAL D 106 7.03 8.81 -15.24
CA VAL D 106 6.79 10.18 -14.82
C VAL D 106 5.55 10.68 -15.53
N ALA D 107 4.77 11.50 -14.84
CA ALA D 107 3.66 12.22 -15.43
C ALA D 107 3.88 13.72 -15.28
N THR D 108 3.54 14.48 -16.31
CA THR D 108 3.73 15.92 -16.30
C THR D 108 2.49 16.57 -16.91
N SER D 109 2.29 17.85 -16.61
CA SER D 109 1.23 18.59 -17.28
C SER D 109 1.70 19.25 -18.56
N VAL D 110 3.01 19.27 -18.80
CA VAL D 110 3.59 19.96 -19.95
C VAL D 110 3.37 19.16 -21.22
N ASP D 111 3.00 19.84 -22.30
CA ASP D 111 2.85 19.19 -23.59
C ASP D 111 4.19 18.66 -24.12
N GLY D 112 4.11 17.63 -24.97
CA GLY D 112 5.29 16.99 -25.51
C GLY D 112 6.10 16.23 -24.46
N VAL D 113 5.51 15.18 -23.89
CA VAL D 113 6.00 14.60 -22.65
C VAL D 113 7.34 13.90 -22.82
N LEU D 114 7.70 13.49 -24.02
CA LEU D 114 8.98 12.83 -24.21
C LEU D 114 10.12 13.83 -23.93
N GLY D 115 10.10 14.98 -24.61
CA GLY D 115 11.14 15.96 -24.38
C GLY D 115 10.99 16.67 -23.05
N ALA D 116 9.76 16.77 -22.54
CA ALA D 116 9.49 17.56 -21.34
C ALA D 116 9.75 16.83 -20.05
N ALA D 117 9.61 15.50 -20.04
CA ALA D 117 9.65 14.76 -18.80
C ALA D 117 10.70 13.66 -18.78
N ALA D 118 11.00 13.03 -19.91
CA ALA D 118 11.98 11.95 -19.92
C ALA D 118 13.37 12.37 -19.43
N PRO D 119 13.86 13.61 -19.65
CA PRO D 119 15.19 13.96 -19.10
C PRO D 119 15.28 13.81 -17.60
N TYR D 120 14.19 14.04 -16.87
CA TYR D 120 14.21 13.87 -15.42
C TYR D 120 14.51 12.43 -15.01
N LEU D 121 14.08 11.45 -15.80
CA LEU D 121 14.40 10.07 -15.48
C LEU D 121 15.82 9.71 -15.93
N LEU D 122 16.19 10.17 -17.13
CA LEU D 122 17.53 9.89 -17.65
C LEU D 122 18.63 10.50 -16.78
N ASP D 123 18.35 11.65 -16.15
CA ASP D 123 19.32 12.24 -15.23
C ASP D 123 19.61 11.30 -14.08
N LEU D 124 18.55 10.68 -13.52
CA LEU D 124 18.78 9.74 -12.44
C LEU D 124 19.54 8.51 -12.97
N ALA D 125 19.13 8.00 -14.13
CA ALA D 125 19.83 6.87 -14.73
C ALA D 125 21.31 7.19 -14.95
N ASP D 126 21.59 8.37 -15.52
CA ASP D 126 22.98 8.73 -15.83
C ASP D 126 23.83 8.79 -14.58
N ALA D 127 23.30 9.33 -13.49
CA ALA D 127 24.05 9.39 -12.25
C ALA D 127 24.43 7.98 -11.79
N VAL D 128 23.48 7.05 -11.81
CA VAL D 128 23.77 5.73 -11.26
C VAL D 128 24.56 4.86 -12.26
N LEU D 129 24.38 5.10 -13.56
CA LEU D 129 25.12 4.39 -14.61
C LEU D 129 26.55 4.88 -14.78
N GLY D 130 26.95 5.91 -14.04
CA GLY D 130 28.28 6.47 -14.21
C GLY D 130 28.48 7.11 -15.57
N GLY D 131 27.47 7.84 -16.07
CA GLY D 131 27.62 8.55 -17.33
C GLY D 131 27.92 7.66 -18.52
N GLU D 132 27.45 6.42 -18.51
CA GLU D 132 27.68 5.52 -19.63
C GLU D 132 27.03 6.08 -20.91
N PRO D 133 27.71 6.02 -22.04
CA PRO D 133 27.11 6.48 -23.30
C PRO D 133 26.11 5.47 -23.86
N ALA D 134 25.19 5.98 -24.66
CA ALA D 134 24.15 5.13 -25.23
C ALA D 134 24.58 4.56 -26.57
N GLN D 135 24.23 3.29 -26.81
CA GLN D 135 24.47 2.62 -28.08
C GLN D 135 23.25 2.64 -29.02
N GLN D 136 22.03 2.51 -28.48
CA GLN D 136 20.82 2.64 -29.28
C GLN D 136 19.68 3.22 -28.45
N VAL D 137 18.76 3.88 -29.16
CA VAL D 137 17.55 4.46 -28.56
C VAL D 137 16.37 4.03 -29.42
N TYR D 138 15.33 3.47 -28.77
CA TYR D 138 14.05 3.16 -29.40
C TYR D 138 12.95 3.89 -28.64
N ALA D 139 11.96 4.40 -29.36
CA ALA D 139 10.85 5.09 -28.72
C ALA D 139 9.60 5.02 -29.60
N GLN D 140 8.46 5.13 -28.93
CA GLN D 140 7.14 5.25 -29.55
C GLN D 140 6.36 6.29 -28.77
N THR D 141 5.53 7.05 -29.46
CA THR D 141 4.73 8.11 -28.84
C THR D 141 3.32 8.05 -29.40
N ASN D 142 2.38 8.69 -28.70
CA ASN D 142 1.03 8.84 -29.23
C ASN D 142 0.40 10.08 -28.63
N ILE D 143 -0.77 10.45 -29.16
CA ILE D 143 -1.51 11.63 -28.71
C ILE D 143 -2.90 11.26 -28.22
N VAL D 144 -3.06 10.04 -27.69
CA VAL D 144 -4.38 9.61 -27.22
C VAL D 144 -4.87 10.50 -26.08
N LEU D 145 -4.08 10.66 -25.03
CA LEU D 145 -4.46 11.52 -23.92
C LEU D 145 -4.53 12.97 -24.36
N SER D 146 -5.30 13.76 -23.62
CA SER D 146 -5.52 15.16 -24.00
C SER D 146 -4.23 15.99 -23.88
N GLY D 147 -4.05 16.92 -24.83
CA GLY D 147 -2.95 17.86 -24.84
C GLY D 147 -3.16 18.88 -25.94
N ARG D 148 -2.28 19.89 -25.95
CA ARG D 148 -2.30 20.93 -27.00
C ARG D 148 -1.50 20.50 -28.23
N ILE D 149 -0.21 20.30 -28.04
CA ILE D 149 0.75 20.08 -29.11
C ILE D 149 1.73 18.99 -28.67
N GLY D 150 2.13 18.16 -29.63
CA GLY D 150 3.08 17.12 -29.32
C GLY D 150 2.48 15.95 -28.56
N GLU D 151 3.28 14.90 -28.41
CA GLU D 151 2.81 13.66 -27.85
C GLU D 151 2.40 13.84 -26.38
N SER D 152 1.37 13.09 -25.97
CA SER D 152 0.92 13.08 -24.59
C SER D 152 1.25 11.78 -23.89
N ALA D 153 1.88 10.82 -24.59
CA ALA D 153 2.41 9.62 -23.99
C ALA D 153 3.62 9.16 -24.80
N ALA D 154 4.60 8.59 -24.10
CA ALA D 154 5.81 8.12 -24.76
C ALA D 154 6.44 7.03 -23.93
N VAL D 155 7.08 6.08 -24.60
CA VAL D 155 7.95 5.10 -23.97
C VAL D 155 9.25 5.10 -24.75
N LEU D 156 10.38 5.12 -24.05
CA LEU D 156 11.66 4.95 -24.71
C LEU D 156 12.49 3.93 -23.97
N THR D 157 13.28 3.20 -24.74
CA THR D 157 14.22 2.22 -24.24
C THR D 157 15.60 2.62 -24.73
N VAL D 158 16.58 2.62 -23.82
CA VAL D 158 17.98 2.95 -24.15
C VAL D 158 18.83 1.72 -23.92
N ARG D 159 19.61 1.33 -24.91
CA ARG D 159 20.64 0.31 -24.77
C ARG D 159 21.98 1.03 -24.72
N TYR D 160 22.69 0.87 -23.60
CA TYR D 160 23.99 1.50 -23.38
C TYR D 160 25.12 0.61 -23.87
N ARG D 161 26.27 1.25 -24.17
CA ARG D 161 27.43 0.51 -24.69
C ARG D 161 27.87 -0.60 -23.76
N SER D 162 27.70 -0.41 -22.45
CA SER D 162 27.95 -1.45 -21.46
C SER D 162 27.03 -2.66 -21.59
N GLY D 163 25.96 -2.57 -22.37
CA GLY D 163 24.92 -3.58 -22.34
C GLY D 163 23.80 -3.35 -21.34
N GLN D 164 23.91 -2.35 -20.47
CA GLN D 164 22.82 -2.01 -19.57
C GLN D 164 21.65 -1.39 -20.36
N VAL D 165 20.45 -1.46 -19.76
CA VAL D 165 19.23 -1.01 -20.41
C VAL D 165 18.47 -0.06 -19.49
N ALA D 166 17.97 1.04 -20.07
CA ALA D 166 17.00 1.90 -19.41
C ALA D 166 15.71 1.91 -20.23
N SER D 167 14.56 1.99 -19.55
CA SER D 167 13.27 2.09 -20.27
C SER D 167 12.28 2.88 -19.42
N PHE D 168 11.72 3.94 -19.99
CA PHE D 168 10.93 4.90 -19.24
C PHE D 168 9.61 5.19 -19.94
N ASP D 169 8.56 5.38 -19.14
CA ASP D 169 7.26 5.76 -19.65
C ASP D 169 6.86 7.14 -19.13
N CYS D 170 6.32 7.96 -20.01
CA CYS D 170 5.96 9.35 -19.73
C CYS D 170 4.51 9.57 -20.16
N ARG D 171 3.75 10.38 -19.41
CA ARG D 171 2.38 10.67 -19.82
C ARG D 171 1.99 12.05 -19.33
N ARG D 172 1.05 12.68 -20.05
CA ARG D 172 0.57 13.99 -19.66
C ARG D 172 -0.68 13.84 -18.79
N HIS D 173 -0.79 14.72 -17.80
CA HIS D 173 -2.02 14.84 -17.02
C HIS D 173 -2.04 16.22 -16.41
N GLY D 174 -3.22 16.85 -16.43
CA GLY D 174 -3.35 18.22 -15.98
C GLY D 174 -2.97 18.47 -14.53
N SER D 175 -3.03 17.44 -13.68
CA SER D 175 -2.69 17.64 -12.28
C SER D 175 -1.43 16.86 -11.88
N ALA D 176 -0.63 16.43 -12.84
CA ALA D 176 0.62 15.78 -12.52
C ALA D 176 1.66 16.78 -12.00
N THR D 177 2.65 16.25 -11.29
CA THR D 177 3.68 17.05 -10.63
C THR D 177 5.00 17.10 -11.39
N GLY D 178 5.22 16.18 -12.32
CA GLY D 178 6.54 16.04 -12.88
C GLY D 178 7.52 15.30 -11.99
N LEU D 179 7.07 14.71 -10.89
CA LEU D 179 7.99 14.01 -9.98
C LEU D 179 8.19 12.57 -10.45
N PRO D 180 9.41 12.15 -10.72
CA PRO D 180 9.65 10.80 -11.24
C PRO D 180 9.77 9.75 -10.15
N ALA D 181 9.55 8.50 -10.57
CA ALA D 181 9.86 7.33 -9.78
C ALA D 181 10.74 6.48 -10.67
N VAL D 182 11.88 6.02 -10.14
CA VAL D 182 12.83 5.25 -10.92
C VAL D 182 13.15 3.98 -10.16
N THR D 183 13.33 2.89 -10.89
CA THR D 183 13.61 1.58 -10.32
C THR D 183 14.93 1.08 -10.91
N PHE D 184 15.86 0.70 -10.05
CA PHE D 184 17.15 0.17 -10.45
C PHE D 184 17.15 -1.32 -10.20
N ILE D 185 17.39 -2.09 -11.25
CA ILE D 185 17.41 -3.56 -11.16
C ILE D 185 18.84 -4.04 -11.31
N GLY D 186 19.29 -4.85 -10.36
CA GLY D 186 20.56 -5.54 -10.44
C GLY D 186 20.33 -7.04 -10.41
N ASP D 187 21.43 -7.78 -10.50
CA ASP D 187 21.24 -9.22 -10.58
C ASP D 187 21.01 -9.87 -9.22
N GLN D 188 20.95 -9.09 -8.14
CA GLN D 188 20.59 -9.62 -6.82
C GLN D 188 19.41 -8.90 -6.18
N GLY D 189 18.81 -7.91 -6.83
CA GLY D 189 17.66 -7.25 -6.28
C GLY D 189 17.29 -6.01 -7.07
N SER D 190 16.28 -5.30 -6.57
CA SER D 190 15.89 -4.05 -7.16
C SER D 190 15.44 -3.09 -6.07
N VAL D 191 15.68 -1.81 -6.31
CA VAL D 191 15.32 -0.76 -5.38
C VAL D 191 14.69 0.38 -6.15
N GLN D 192 13.69 1.02 -5.56
CA GLN D 192 12.94 2.09 -6.20
C GLN D 192 13.21 3.41 -5.49
N TYR D 193 13.48 4.45 -6.27
CA TYR D 193 13.51 5.83 -5.78
C TYR D 193 12.30 6.55 -6.36
N ASP D 194 11.40 7.00 -5.48
CA ASP D 194 10.17 7.69 -5.85
C ASP D 194 10.28 9.10 -5.26
N ALA D 195 10.35 10.10 -6.13
CA ALA D 195 10.45 11.47 -5.66
C ALA D 195 9.13 12.03 -5.17
N GLY D 196 8.02 11.35 -5.43
CA GLY D 196 6.72 11.86 -5.04
C GLY D 196 5.82 10.79 -4.48
N PRO D 197 6.22 10.18 -3.37
CA PRO D 197 5.39 9.10 -2.80
C PRO D 197 4.13 9.67 -2.17
N GLN D 198 3.16 8.77 -1.96
CA GLN D 198 1.94 9.13 -1.23
C GLN D 198 2.22 9.17 0.28
N LEU D 199 2.00 10.35 0.87
CA LEU D 199 2.15 10.50 2.31
C LEU D 199 0.88 10.07 3.04
N LEU D 200 -0.26 10.64 2.65
CA LEU D 200 -1.55 10.31 3.23
C LEU D 200 -2.51 9.79 2.15
N GLY D 201 -3.24 8.73 2.50
CA GLY D 201 -4.30 8.23 1.65
C GLY D 201 -5.59 8.97 1.90
N GLY D 202 -6.61 8.57 1.15
CA GLY D 202 -7.92 9.15 1.27
C GLY D 202 -8.47 9.56 -0.08
N GLU D 203 -9.59 10.28 -0.05
CA GLU D 203 -10.23 10.71 -1.29
C GLU D 203 -9.35 11.68 -2.05
N ARG D 204 -8.61 12.54 -1.33
CA ARG D 204 -7.65 13.49 -1.88
C ARG D 204 -6.28 13.15 -1.30
N PRO D 205 -5.55 12.20 -1.88
CA PRO D 205 -4.29 11.76 -1.26
C PRO D 205 -3.29 12.92 -1.20
N GLU D 206 -2.39 12.84 -0.23
CA GLU D 206 -1.44 13.91 0.03
C GLU D 206 -0.05 13.44 -0.38
N LEU D 207 0.67 14.31 -1.03
CA LEU D 207 1.91 13.90 -1.67
C LEU D 207 3.00 14.10 -0.62
N GLY D 208 3.86 13.09 -0.46
CA GLY D 208 4.95 13.22 0.51
C GLY D 208 6.19 13.80 -0.14
N GLY D 209 7.37 13.29 0.21
CA GLY D 209 8.59 13.66 -0.48
C GLY D 209 9.38 14.74 0.24
N GLU D 210 10.55 15.02 -0.33
CA GLU D 210 11.45 16.06 0.17
C GLU D 210 11.15 17.38 -0.51
N ASP D 211 11.66 18.46 0.08
CA ASP D 211 11.56 19.80 -0.52
C ASP D 211 12.64 19.92 -1.61
N LEU D 212 12.38 19.25 -2.73
CA LEU D 212 13.39 19.18 -3.79
C LEU D 212 13.66 20.56 -4.39
N GLU D 213 12.66 21.43 -4.46
CA GLU D 213 12.91 22.77 -4.97
C GLU D 213 13.94 23.49 -4.10
N ALA D 214 13.71 23.53 -2.79
CA ALA D 214 14.66 24.16 -1.89
C ALA D 214 16.05 23.56 -2.05
N LEU D 215 16.15 22.24 -2.14
CA LEU D 215 17.48 21.63 -2.23
C LEU D 215 18.14 21.98 -3.55
N MET D 216 17.38 21.99 -4.64
CA MET D 216 17.98 22.26 -5.94
C MET D 216 18.48 23.70 -6.02
N LEU D 217 17.70 24.66 -5.51
CA LEU D 217 18.10 26.06 -5.50
C LEU D 217 19.32 26.29 -4.61
N LYS D 218 19.39 25.59 -3.48
CA LYS D 218 20.56 25.66 -2.61
C LYS D 218 21.82 25.35 -3.39
N ASP D 219 21.85 24.21 -4.06
CA ASP D 219 23.01 23.84 -4.87
C ASP D 219 23.32 24.91 -5.92
N PHE D 220 22.28 25.42 -6.57
CA PHE D 220 22.49 26.35 -7.69
C PHE D 220 23.00 27.70 -7.19
N LEU D 221 22.62 28.09 -5.98
CA LEU D 221 23.13 29.31 -5.36
C LEU D 221 24.47 29.10 -4.63
N GLY D 222 25.00 27.87 -4.59
CA GLY D 222 26.23 27.60 -3.85
C GLY D 222 27.33 26.91 -4.62
N ASP D 225 27.58 22.10 -8.94
CA ASP D 225 28.53 21.01 -8.71
C ASP D 225 27.88 19.86 -7.97
N GLY D 226 26.62 20.06 -7.61
CA GLY D 226 25.89 19.07 -6.84
C GLY D 226 25.54 17.84 -7.65
N PRO D 227 24.56 17.08 -7.15
CA PRO D 227 24.25 15.76 -7.74
C PRO D 227 23.41 15.80 -9.00
N GLY D 228 22.99 16.97 -9.47
CA GLY D 228 22.28 17.06 -10.72
C GLY D 228 23.24 16.84 -11.89
N PRO D 229 22.71 16.77 -13.12
CA PRO D 229 23.60 16.50 -14.26
C PRO D 229 24.53 17.67 -14.52
N ASP D 230 25.82 17.38 -14.71
CA ASP D 230 26.70 18.42 -15.23
C ASP D 230 26.45 18.59 -16.73
N GLY D 231 27.25 19.45 -17.37
CA GLY D 231 27.00 19.74 -18.78
C GLY D 231 27.11 18.51 -19.68
N GLN D 232 28.14 17.68 -19.45
CA GLN D 232 28.31 16.50 -20.28
C GLN D 232 27.14 15.53 -20.10
N ALA D 233 26.68 15.36 -18.85
CA ALA D 233 25.53 14.49 -18.60
C ALA D 233 24.28 15.03 -19.28
N ALA D 234 24.08 16.36 -19.26
CA ALA D 234 22.93 16.94 -19.94
C ALA D 234 23.00 16.71 -21.44
N LEU D 235 24.20 16.85 -22.03
CA LEU D 235 24.35 16.64 -23.46
C LEU D 235 24.11 15.19 -23.86
N ARG D 236 24.58 14.23 -23.04
CA ARG D 236 24.28 12.82 -23.29
C ARG D 236 22.77 12.59 -23.31
N THR D 237 22.08 13.09 -22.29
CA THR D 237 20.64 12.90 -22.22
C THR D 237 19.92 13.62 -23.35
N PHE D 238 20.34 14.84 -23.68
CA PHE D 238 19.69 15.57 -24.78
C PHE D 238 19.84 14.83 -26.10
N ARG D 239 21.01 14.22 -26.32
CA ARG D 239 21.19 13.39 -27.50
C ARG D 239 20.27 12.17 -27.48
N ILE D 240 20.08 11.55 -26.31
CA ILE D 240 19.08 10.49 -26.17
C ILE D 240 17.72 10.97 -26.66
N ILE D 241 17.34 12.18 -26.24
CA ILE D 241 16.01 12.71 -26.53
C ILE D 241 15.84 12.88 -28.04
N GLN D 242 16.80 13.53 -28.69
CA GLN D 242 16.78 13.67 -30.14
C GLN D 242 16.64 12.31 -30.83
N ALA D 243 17.42 11.33 -30.38
CA ALA D 243 17.33 9.99 -30.98
C ALA D 243 15.93 9.39 -30.75
N ALA D 244 15.37 9.59 -29.55
CA ALA D 244 14.04 9.06 -29.27
C ALA D 244 12.98 9.64 -30.19
N TYR D 245 13.06 10.95 -30.46
CA TYR D 245 12.10 11.54 -31.40
C TYR D 245 12.27 10.96 -32.79
N GLU D 246 13.52 10.70 -33.20
CA GLU D 246 13.75 10.11 -34.50
C GLU D 246 13.22 8.68 -34.56
N SER D 247 13.45 7.89 -33.50
CA SER D 247 12.94 6.54 -33.46
C SER D 247 11.41 6.50 -33.48
N ALA D 248 10.77 7.43 -32.76
CA ALA D 248 9.31 7.44 -32.76
C ALA D 248 8.75 7.63 -34.16
N HIS D 249 9.51 8.31 -35.03
CA HIS D 249 9.08 8.53 -36.41
C HIS D 249 9.43 7.34 -37.31
N THR D 250 10.67 6.83 -37.23
CA THR D 250 11.05 5.71 -38.08
C THR D 250 10.47 4.37 -37.64
N GLY D 251 10.05 4.22 -36.38
CA GLY D 251 9.61 2.92 -35.93
C GLY D 251 10.71 1.90 -35.75
N GLN D 252 11.96 2.35 -35.69
CA GLN D 252 13.13 1.51 -35.52
C GLN D 252 14.11 2.21 -34.60
N PRO D 253 14.95 1.46 -33.90
CA PRO D 253 15.91 2.11 -33.01
C PRO D 253 16.88 2.97 -33.81
N VAL D 254 17.46 3.96 -33.12
CA VAL D 254 18.46 4.84 -33.69
C VAL D 254 19.81 4.49 -33.06
N ASP D 255 20.81 4.25 -33.91
CA ASP D 255 22.16 3.94 -33.43
C ASP D 255 22.90 5.22 -33.08
N LEU D 256 23.65 5.18 -31.98
CA LEU D 256 24.51 6.29 -31.61
C LEU D 256 25.94 5.80 -31.35
PA NAD E . 18.09 8.13 30.47
O1A NAD E . 18.08 7.29 31.71
O2A NAD E . 18.92 7.49 29.34
O5B NAD E . 18.72 9.63 30.81
C5B NAD E . 18.78 10.08 32.15
C4B NAD E . 19.93 11.14 32.20
O4B NAD E . 19.59 12.14 32.99
C3B NAD E . 21.22 10.47 32.85
O3B NAD E . 22.38 10.96 32.20
C2B NAD E . 21.14 10.92 34.32
O2B NAD E . 22.44 10.93 34.91
C1B NAD E . 20.64 12.16 34.24
N9A NAD E . 19.91 12.71 35.39
C8A NAD E . 19.01 12.08 36.13
N7A NAD E . 18.56 12.88 37.06
C5A NAD E . 19.18 14.08 36.94
C6A NAD E . 19.13 15.33 37.61
N6A NAD E . 18.27 15.52 38.72
N1A NAD E . 19.91 16.34 37.21
C2A NAD E . 20.72 16.17 36.18
N3A NAD E . 20.80 15.02 35.52
C4A NAD E . 20.04 13.96 35.87
O3 NAD E . 16.54 8.32 29.98
PN NAD E . 16.13 9.11 28.61
O1N NAD E . 17.33 9.51 27.80
O2N NAD E . 15.23 8.25 27.78
O5D NAD E . 15.32 10.42 29.17
C5D NAD E . 14.26 10.12 30.06
C4D NAD E . 13.22 11.25 29.79
O4D NAD E . 13.04 11.39 28.50
C3D NAD E . 11.80 10.78 30.42
O3D NAD E . 11.09 11.91 30.65
C2D NAD E . 11.28 10.02 29.50
O2D NAD E . 9.89 9.93 29.60
C1D NAD E . 11.64 10.82 28.20
N1N NAD E . 11.51 10.04 26.95
C2N NAD E . 10.31 9.91 26.39
C3N NAD E . 10.12 9.18 25.22
C7N NAD E . 8.71 9.02 24.56
O7N NAD E . 7.73 8.99 25.22
N7N NAD E . 8.63 8.92 23.08
C4N NAD E . 11.24 8.59 24.62
C5N NAD E . 12.48 8.74 25.22
C6N NAD E . 12.57 9.48 26.40
C01 US6 F . 7.65 10.57 14.72
C02 US6 F . 8.23 9.56 15.70
C03 US6 F . 7.23 8.40 15.86
C04 US6 F . 7.15 7.68 17.02
C05 US6 F . 6.13 6.50 17.12
C06 US6 F . 6.32 5.43 17.95
C07 US6 F . 7.55 5.34 18.89
C10 US6 F . 8.43 4.68 21.15
C11 US6 F . 9.72 4.05 20.73
C12 US6 F . 10.86 3.98 21.73
C14 US6 F . 10.69 4.57 23.17
C15 US6 F . 11.75 4.51 24.14
C16 US6 F . 11.57 5.07 25.42
C17 US6 F . 10.32 5.65 25.81
C18 US6 F . 9.26 5.71 24.86
C19 US6 F . 9.45 5.17 23.53
C20 US6 F . 8.26 5.26 22.52
C23 US6 F . 10.17 6.23 27.23
C25 US6 F . 13.19 3.93 23.84
C27 US6 F . 13.98 4.66 22.68
C28 US6 F . 13.64 5.95 22.33
C29 US6 F . 14.35 6.74 21.21
C30 US6 F . 13.34 7.56 20.40
C31 US6 F . 13.19 6.98 18.97
C32 US6 F . 12.32 7.88 18.07
C33 US6 F . 12.74 7.66 16.59
C34 US6 F . 11.83 8.44 15.63
C35 US6 F . 10.35 8.11 15.88
C36 US6 F . 9.49 9.06 15.01
C38 US6 F . 10.11 6.68 15.47
C40 US6 F . 14.15 8.15 16.42
C42 US6 F . 12.59 5.59 19.07
C44 US6 F . 15.29 7.75 21.82
C45 US6 F . 15.14 3.94 21.95
C46 US6 F . 5.29 4.28 18.04
N09 US6 F . 7.30 4.77 20.21
O08 US6 F . 8.63 5.72 18.58
O13 US6 F . 11.86 3.47 21.38
O21 US6 F . 7.22 5.76 22.80
O22 US6 F . 8.02 6.29 25.20
O24 US6 F . 12.62 5.00 26.35
O26 US6 F . 13.67 3.06 24.48
O37 US6 F . 9.10 8.38 13.87
O39 US6 F . 12.03 9.82 15.77
O41 US6 F . 12.57 9.20 18.34
O43 US6 F . 12.13 7.55 21.09
C01 US6 G . -2.19 -15.53 -12.83
C02 US6 G . -0.97 -16.08 -12.11
C03 US6 G . 0.12 -15.02 -12.01
C04 US6 G . 1.37 -15.29 -12.46
C05 US6 G . 2.50 -14.21 -12.35
C06 US6 G . 3.81 -14.55 -12.31
C07 US6 G . 4.24 -16.04 -12.36
C10 US6 G . 5.85 -17.77 -13.14
C11 US6 G . 6.12 -18.53 -11.88
C12 US6 G . 6.50 -20.00 -11.96
C14 US6 G . 6.59 -20.72 -13.37
C15 US6 G . 6.93 -22.10 -13.52
C16 US6 G . 7.00 -22.70 -14.82
C17 US6 G . 6.72 -21.93 -15.99
C18 US6 G . 6.38 -20.55 -15.86
C19 US6 G . 6.31 -19.97 -14.56
C20 US6 G . 5.93 -18.45 -14.48
C23 US6 G . 6.80 -22.57 -17.40
C25 US6 G . 7.22 -23.03 -12.29
C27 US6 G . 6.03 -23.30 -11.29
C28 US6 G . 4.75 -22.96 -11.71
C29 US6 G . 3.48 -23.13 -10.87
C30 US6 G . 2.34 -22.29 -11.44
C31 US6 G . 2.27 -20.91 -10.77
C32 US6 G . 0.82 -20.61 -10.37
C33 US6 G . 0.78 -19.35 -9.44
C34 US6 G . -0.55 -18.56 -9.53
C35 US6 G . -0.21 -17.11 -9.96
C36 US6 G . -1.40 -16.42 -10.70
C38 US6 G . 0.14 -16.30 -8.75
C40 US6 G . 1.05 -19.76 -8.02
C42 US6 G . 2.76 -19.85 -11.74
C44 US6 G . 3.00 -24.56 -10.97
C45 US6 G . 6.30 -23.90 -9.89
C46 US6 G . 4.94 -13.49 -12.22
N09 US6 G . 5.47 -16.34 -13.11
O08 US6 G . 3.61 -16.90 -11.82
O13 US6 G . 6.71 -20.56 -10.94
O21 US6 G . 5.71 -17.82 -15.47
O22 US6 G . 6.11 -19.75 -16.98
O24 US6 G . 7.33 -24.08 -14.93
O26 US6 G . 8.29 -23.51 -12.13
O37 US6 G . -1.71 -15.20 -10.12
O39 US6 G . -1.48 -19.14 -10.38
O41 US6 G . 0.29 -21.72 -9.72
O43 US6 G . 2.52 -22.18 -12.82
#